data_9IU1
#
_entry.id   9IU1
#
_cell.length_a   1.00
_cell.length_b   1.00
_cell.length_c   1.00
_cell.angle_alpha   90.00
_cell.angle_beta   90.00
_cell.angle_gamma   90.00
#
_symmetry.space_group_name_H-M   'P 1'
#
loop_
_entity.id
_entity.type
_entity.pdbx_description
1 polymer 'Processed angiotensin-converting enzyme 2'
2 polymer 'Spike glycoprotein'
3 branched 2-acetamido-2-deoxy-beta-D-glucopyranose-(1-4)-2-acetamido-2-deoxy-beta-D-glucopyranose
4 branched beta-D-mannopyranose-(1-4)-2-acetamido-2-deoxy-beta-D-glucopyranose-(1-4)-2-acetamido-2-deoxy-beta-D-glucopyranose
5 branched alpha-D-mannopyranose-(1-3)-[alpha-D-mannopyranose-(1-6)]beta-D-mannopyranose-(1-4)-2-acetamido-2-deoxy-beta-D-glucopyranose-(1-4)-2-acetamido-2-deoxy-beta-D-glucopyranose
6 non-polymer 2-acetamido-2-deoxy-beta-D-glucopyranose
#
loop_
_entity_poly.entity_id
_entity_poly.type
_entity_poly.pdbx_seq_one_letter_code
_entity_poly.pdbx_strand_id
1 'polypeptide(L)'
;STIEEQAKTFLDKFNHEAEDLFYQSSLASWNYNTNITEENVQNMNNAGDKWSAFLKEQSTLAQMYPLQEIQNLTVKLQLQ
ALQQNGSSVLSEDKSKRLNTILNTMSTIYSTGKVCNPDNPQECLLLEPGLNEIMANSLDYNERLWAWESWRSEVGKQLRP
LYEEYVVLKNEMARANHYEDYGDYWRGDYEVNGVDGYDYSRGQLIEDVEHTFEEIKPLYEHLHAYVRAKLMNAYPSYISP
IGCLPAHLLGDMWGRFWTNLYSLTVPFGQKPNIDVTDAMVDQAWDAQRIFKEAEKFFVSVGLPNMTQGFWENSMLTDPGN
VQKAVCHPTAWDLGKGDFRILMCTKVTMDDFLTAHHEMGHIQYDMAYAAQPFLLRNGANEGFHEAVGEIMSLSAATPKHL
KSIGLLSPDFQEDNETEINFLLKQALTIVGTLPFTYMLEKWRWMVFKGEIPKDQWMKKWWEMKREIVGVVEPVPHDETYC
DPASLFHVSNDYSFIRYYTRTLYQFQFQEALCQAAKHEGPLHKCDISNSTEAGQKLFNMLRLGKSEPWTLALENVVGAKN
MNVRPLLNYFEPLFTWLKDQNKNSFVGWSTDWSPYADQSGTKHHHHHH
;
A
2 'polypeptide(L)'
;SSQCVMPLFNLITTTQSYTNSFTRGVYYPDKVFRSSVLHLTQDLFLPFFSNVTWFHAISGTNGTKRFDNPVLPFNDGVYF
ASTEKSNIIRGWIFGTTLDSKTQSLLIVNNATNVFIKVCEFQFCNDPFLDVYHKNNKSWMESESGVYSSANNCTFEYVSQ
PFLMDLEGKQGNFKNLREFVFKNIDGYFKIYSKHTPIIGRDFPQGFSALEPLVDLPIGINITRFQTLLALNRSYLTPGDS
SSGWTAGAADYYVGYLQPRTFLLKYNENGTITDAVDCALDPLSETKCTLKSFTVEKGIYQTSNFRVQPTESIVRFPNVTN
LCPFHEVFNATRFASVYAWNRTRISNCVADYSVLYNFAPFFAFKCYGVSPTKLNDLCFTNVYADSFVIKGNEVSQIAPGQ
TGNIADYNYKLPDDFTGCVIAWNSNKLDSKHSGNYDYWYRSFRKSKLKPFERDISTEIYQAGNKPCKGKGPNCYFPLQSY
GFRPTYGVGHQPYRVVVLSFELLHAPATVCGPKKSTNLVKNKCVNFNFNGLTGTGVLTKSNKKFLPFQQFGRDIVDTTDA
VRDPQTLEILDITPCSFGGVSVITPGTNTSNQVAVLYQGVNCTEVSVAIHADQLTPTWRVYSTGSNVFQTRAGCLIGAEY
VNNSYECDIPIGAGICASYQTQTKSRGSAGSVASQSIIAYTMSLGAENSVAYSNNSIAIPTNFTISVTTEILPVSMTKTS
VDCTMYICGDSTECSNLLLQYGSFCTQLKRALTGIAVEQDKNTQEVFAQVKQIYKTPPIKYFGGFNFSQILPDPSKPSKR
SPIEDLLFNKVTLADAGFIKQYGDCLGDIAARDLICAQKFNGLTVLPPLLTDEMIAQYTSALLAGTITSGWTFGAGPALQ
IPFPMQMAYRFNGIGVTQNVLYENQKLIANQFNSAIGKIQDSLFSTPSALGKLQDVVNHNAQALNTLVKQLSSKFGAISS
VLNDILSRLDPPEAEVQIDRLITGRLQSLQTYVTQQLIRAAEIRASANLAATKMSECVLGQSKRVDFCGKGYHLMSFPQS
APHGVVFLHVTYVPAQEKNFTTAPAICHDGKAHFPREGVFVSNGTHWFVTQRNFYEPQIITTDNTFVSGNCDVVIGIVNN
TVYDPLQLELDSFKEELDKYFKNHTSPDVDLGDISGINASVVNIQKEIDRLNEVAKNLNESLIDLQELGKYEQYIASSGY
IPEAPRDGQAYVRKDGEWVLLSTFLEGTKHHHHHH
;
B
#
loop_
_chem_comp.id
_chem_comp.type
_chem_comp.name
_chem_comp.formula
BMA D-saccharide, beta linking beta-D-mannopyranose 'C6 H12 O6'
MAN D-saccharide, alpha linking alpha-D-mannopyranose 'C6 H12 O6'
NAG D-saccharide, beta linking 2-acetamido-2-deoxy-beta-D-glucopyranose 'C8 H15 N O6'
#
# COMPACT_ATOMS: atom_id res chain seq x y z
N SER A 1 31.41 -14.07 12.28
CA SER A 1 31.43 -14.30 13.72
C SER A 1 31.38 -12.98 14.49
N THR A 2 30.19 -12.39 14.56
CA THR A 2 30.00 -11.12 15.26
C THR A 2 28.53 -10.94 15.59
N ILE A 3 28.26 -9.93 16.43
CA ILE A 3 26.89 -9.64 16.84
C ILE A 3 26.04 -9.28 15.62
N GLU A 4 26.60 -8.51 14.69
CA GLU A 4 25.86 -8.15 13.49
C GLU A 4 25.56 -9.37 12.64
N GLU A 5 26.51 -10.32 12.56
CA GLU A 5 26.24 -11.55 11.82
C GLU A 5 25.13 -12.37 12.48
N GLN A 6 25.14 -12.46 13.80
CA GLN A 6 24.07 -13.16 14.50
C GLN A 6 22.73 -12.49 14.25
N ALA A 7 22.69 -11.16 14.30
CA ALA A 7 21.46 -10.44 14.01
C ALA A 7 20.99 -10.67 12.59
N LYS A 8 21.94 -10.72 11.65
CA LYS A 8 21.59 -10.96 10.25
C LYS A 8 21.00 -12.36 10.06
N THR A 9 21.56 -13.36 10.74
CA THR A 9 20.98 -14.71 10.65
C THR A 9 19.58 -14.75 11.26
N PHE A 10 19.41 -14.07 12.41
CA PHE A 10 18.08 -13.97 13.00
C PHE A 10 17.09 -13.33 12.04
N LEU A 11 17.52 -12.25 11.37
CA LEU A 11 16.69 -11.61 10.36
C LEU A 11 16.43 -12.53 9.17
N ASP A 12 17.41 -13.39 8.84
CA ASP A 12 17.22 -14.34 7.75
C ASP A 12 16.08 -15.31 8.07
N LYS A 13 16.02 -15.80 9.30
CA LYS A 13 14.91 -16.68 9.68
C LYS A 13 13.59 -15.91 9.76
N PHE A 14 13.66 -14.67 10.26
CA PHE A 14 12.48 -13.83 10.37
C PHE A 14 11.87 -13.55 9.00
N ASN A 15 12.70 -13.24 8.01
CA ASN A 15 12.25 -12.88 6.67
C ASN A 15 11.79 -14.08 5.86
N HIS A 16 11.63 -15.24 6.51
CA HIS A 16 10.95 -16.39 5.94
C HIS A 16 9.70 -16.72 6.73
N GLU A 17 9.80 -16.79 8.06
CA GLU A 17 8.63 -17.10 8.86
C GLU A 17 7.55 -16.03 8.72
N ALA A 18 7.96 -14.75 8.78
CA ALA A 18 7.00 -13.66 8.64
C ALA A 18 6.35 -13.68 7.27
N GLU A 19 7.13 -13.98 6.23
CA GLU A 19 6.57 -14.07 4.88
C GLU A 19 5.47 -15.13 4.83
N ASP A 20 5.76 -16.31 5.38
CA ASP A 20 4.78 -17.39 5.36
C ASP A 20 3.50 -16.99 6.09
N LEU A 21 3.64 -16.44 7.31
CA LEU A 21 2.44 -16.14 8.08
C LEU A 21 1.67 -14.95 7.50
N PHE A 22 2.36 -13.98 6.93
CA PHE A 22 1.68 -12.87 6.29
C PHE A 22 0.92 -13.33 5.05
N TYR A 23 1.49 -14.28 4.30
CA TYR A 23 0.75 -14.85 3.18
C TYR A 23 -0.50 -15.58 3.65
N GLN A 24 -0.39 -16.33 4.75
CA GLN A 24 -1.57 -16.96 5.35
C GLN A 24 -2.65 -15.93 5.66
N SER A 25 -2.26 -14.86 6.36
CA SER A 25 -3.22 -13.84 6.77
C SER A 25 -3.84 -13.16 5.55
N SER A 26 -3.04 -12.87 4.53
CA SER A 26 -3.56 -12.22 3.34
C SER A 26 -4.57 -13.11 2.62
N LEU A 27 -4.28 -14.41 2.50
CA LEU A 27 -5.25 -15.31 1.88
C LEU A 27 -6.54 -15.35 2.68
N ALA A 28 -6.44 -15.42 4.01
CA ALA A 28 -7.65 -15.45 4.83
C ALA A 28 -8.47 -14.19 4.64
N SER A 29 -7.81 -13.03 4.65
CA SER A 29 -8.52 -11.76 4.50
C SER A 29 -9.17 -11.64 3.12
N TRP A 30 -8.45 -12.05 2.07
CA TRP A 30 -9.02 -11.99 0.73
C TRP A 30 -10.24 -12.89 0.61
N ASN A 31 -10.15 -14.12 1.14
CA ASN A 31 -11.28 -15.02 1.07
C ASN A 31 -12.48 -14.46 1.85
N TYR A 32 -12.22 -13.88 3.03
CA TYR A 32 -13.33 -13.32 3.80
C TYR A 32 -13.98 -12.15 3.06
N ASN A 33 -13.17 -11.25 2.50
CA ASN A 33 -13.72 -10.07 1.86
C ASN A 33 -14.35 -10.36 0.50
N THR A 34 -13.99 -11.45 -0.15
CA THR A 34 -14.65 -11.86 -1.38
C THR A 34 -15.74 -12.90 -1.15
N ASN A 35 -15.89 -13.37 0.08
CA ASN A 35 -16.84 -14.44 0.38
C ASN A 35 -17.09 -14.41 1.88
N ILE A 36 -18.32 -14.11 2.28
CA ILE A 36 -18.66 -13.85 3.67
C ILE A 36 -19.28 -15.13 4.25
N THR A 37 -18.49 -15.87 5.02
CA THR A 37 -18.99 -17.04 5.74
C THR A 37 -18.44 -17.04 7.16
N GLU A 38 -19.21 -17.67 8.06
CA GLU A 38 -18.83 -17.68 9.47
C GLU A 38 -17.52 -18.42 9.69
N GLU A 39 -17.33 -19.55 9.00
CA GLU A 39 -16.05 -20.27 9.10
C GLU A 39 -14.91 -19.46 8.49
N ASN A 40 -15.21 -18.62 7.49
CA ASN A 40 -14.19 -17.72 6.98
C ASN A 40 -13.77 -16.73 8.05
N VAL A 41 -14.73 -16.19 8.80
CA VAL A 41 -14.40 -15.33 9.93
C VAL A 41 -13.62 -16.10 10.99
N GLN A 42 -13.95 -17.38 11.18
CA GLN A 42 -13.23 -18.21 12.13
C GLN A 42 -11.76 -18.33 11.78
N ASN A 43 -11.47 -18.65 10.51
CA ASN A 43 -10.07 -18.76 10.10
C ASN A 43 -9.39 -17.38 10.09
N MET A 44 -10.15 -16.32 9.83
CA MET A 44 -9.63 -14.96 9.99
C MET A 44 -9.12 -14.73 11.41
N ASN A 45 -9.95 -15.05 12.39
CA ASN A 45 -9.55 -14.87 13.79
C ASN A 45 -8.36 -15.76 14.14
N ASN A 46 -8.36 -17.00 13.64
CA ASN A 46 -7.24 -17.89 13.91
C ASN A 46 -5.93 -17.32 13.36
N ALA A 47 -5.97 -16.84 12.11
CA ALA A 47 -4.76 -16.27 11.51
C ALA A 47 -4.31 -15.01 12.25
N GLY A 48 -5.26 -14.17 12.65
CA GLY A 48 -4.89 -12.98 13.40
C GLY A 48 -4.24 -13.30 14.73
N ASP A 49 -4.80 -14.27 15.46
CA ASP A 49 -4.21 -14.67 16.73
C ASP A 49 -2.84 -15.29 16.53
N LYS A 50 -2.67 -16.10 15.47
CA LYS A 50 -1.37 -16.69 15.18
C LYS A 50 -0.33 -15.60 14.89
N TRP A 51 -0.71 -14.61 14.09
CA TRP A 51 0.21 -13.53 13.77
C TRP A 51 0.58 -12.73 15.02
N SER A 52 -0.40 -12.43 15.86
CA SER A 52 -0.13 -11.68 17.08
C SER A 52 0.80 -12.46 18.00
N ALA A 53 0.54 -13.76 18.17
CA ALA A 53 1.38 -14.58 19.02
C ALA A 53 2.80 -14.67 18.49
N PHE A 54 2.95 -14.81 17.17
CA PHE A 54 4.27 -14.87 16.58
C PHE A 54 5.04 -13.58 16.82
N LEU A 55 4.39 -12.44 16.57
CA LEU A 55 5.06 -11.16 16.79
C LEU A 55 5.43 -10.97 18.25
N LYS A 56 4.56 -11.40 19.17
CA LYS A 56 4.89 -11.34 20.59
C LYS A 56 6.12 -12.20 20.90
N GLU A 57 6.19 -13.40 20.32
CA GLU A 57 7.31 -14.29 20.55
C GLU A 57 8.62 -13.66 20.09
N GLN A 58 8.64 -13.10 18.88
CA GLN A 58 9.89 -12.50 18.41
C GLN A 58 10.22 -11.20 19.12
N SER A 59 9.23 -10.43 19.54
CA SER A 59 9.52 -9.24 20.34
C SER A 59 10.13 -9.63 21.68
N THR A 60 9.65 -10.72 22.28
CA THR A 60 10.28 -11.23 23.49
C THR A 60 11.70 -11.71 23.22
N LEU A 61 11.91 -12.38 22.08
CA LEU A 61 13.24 -12.88 21.73
C LEU A 61 14.22 -11.74 21.48
N ALA A 62 13.73 -10.59 21.05
CA ALA A 62 14.60 -9.47 20.66
C ALA A 62 15.51 -8.98 21.78
N GLN A 63 15.36 -9.48 23.00
CA GLN A 63 16.20 -9.02 24.10
C GLN A 63 17.64 -9.50 24.01
N MET A 64 17.93 -10.46 23.12
CA MET A 64 19.29 -10.99 23.03
C MET A 64 20.28 -9.91 22.60
N TYR A 65 19.92 -9.10 21.62
CA TYR A 65 20.80 -8.04 21.15
C TYR A 65 20.40 -6.72 21.79
N PRO A 66 21.20 -6.14 22.66
CA PRO A 66 20.89 -4.79 23.16
C PRO A 66 20.88 -3.79 22.02
N LEU A 67 19.96 -2.83 22.11
CA LEU A 67 19.77 -1.84 21.04
C LEU A 67 20.65 -0.63 21.23
N GLN A 68 21.96 -0.86 21.43
CA GLN A 68 22.90 0.25 21.61
C GLN A 68 24.20 0.09 20.83
N GLU A 69 24.54 -1.09 20.33
CA GLU A 69 25.84 -1.33 19.70
C GLU A 69 25.66 -1.94 18.31
N ILE A 70 24.79 -1.32 17.51
CA ILE A 70 24.55 -1.74 16.13
C ILE A 70 24.81 -0.54 15.22
N GLN A 71 25.50 -0.79 14.11
CA GLN A 71 25.99 0.29 13.25
C GLN A 71 25.62 0.17 11.79
N ASN A 72 25.11 -0.97 11.33
CA ASN A 72 24.87 -1.17 9.90
C ASN A 72 23.77 -0.25 9.36
N LEU A 73 22.89 0.26 10.22
CA LEU A 73 21.87 1.25 9.89
C LEU A 73 20.73 0.63 9.08
N THR A 74 20.89 -0.63 8.66
CA THR A 74 19.80 -1.40 8.07
C THR A 74 19.32 -2.48 9.03
N VAL A 75 20.25 -3.23 9.62
CA VAL A 75 19.91 -4.14 10.71
C VAL A 75 19.32 -3.35 11.87
N LYS A 76 19.84 -2.14 12.10
CA LYS A 76 19.29 -1.28 13.14
C LYS A 76 17.83 -0.94 12.85
N LEU A 77 17.53 -0.58 11.59
CA LEU A 77 16.16 -0.26 11.22
C LEU A 77 15.25 -1.47 11.39
N GLN A 78 15.71 -2.65 10.95
CA GLN A 78 14.89 -3.85 11.06
C GLN A 78 14.61 -4.18 12.53
N LEU A 79 15.64 -4.10 13.38
CA LEU A 79 15.45 -4.42 14.80
C LEU A 79 14.57 -3.37 15.49
N GLN A 80 14.70 -2.11 15.09
CA GLN A 80 13.83 -1.08 15.67
C GLN A 80 12.38 -1.31 15.28
N ALA A 81 12.14 -1.73 14.02
CA ALA A 81 10.78 -2.08 13.61
C ALA A 81 10.27 -3.28 14.40
N LEU A 82 11.13 -4.28 14.63
CA LEU A 82 10.74 -5.42 15.45
C LEU A 82 10.36 -5.00 16.86
N GLN A 83 11.13 -4.09 17.45
CA GLN A 83 10.82 -3.62 18.80
C GLN A 83 9.54 -2.79 18.80
N GLN A 84 9.27 -2.05 17.72
CA GLN A 84 8.08 -1.22 17.67
C GLN A 84 6.81 -2.05 17.53
N ASN A 85 6.80 -3.02 16.62
CA ASN A 85 5.62 -3.86 16.40
C ASN A 85 5.78 -5.21 17.08
N GLY A 86 4.78 -5.58 17.88
CA GLY A 86 4.71 -6.90 18.48
C GLY A 86 5.12 -7.00 19.92
N SER A 87 5.47 -5.89 20.56
CA SER A 87 5.97 -5.89 21.93
C SER A 87 4.84 -5.52 22.89
N SER A 88 4.34 -6.51 23.64
CA SER A 88 3.39 -6.24 24.70
C SER A 88 4.12 -5.64 25.90
N VAL A 89 3.59 -4.55 26.43
CA VAL A 89 4.29 -3.77 27.44
C VAL A 89 3.47 -3.67 28.73
N LEU A 90 2.26 -3.13 28.63
CA LEU A 90 1.43 -2.93 29.81
C LEU A 90 1.02 -4.27 30.41
N SER A 91 0.43 -4.19 31.61
CA SER A 91 -0.04 -5.38 32.29
C SER A 91 -1.19 -6.02 31.50
N GLU A 92 -1.40 -7.32 31.75
CA GLU A 92 -2.40 -8.06 31.00
C GLU A 92 -3.79 -7.51 31.23
N ASP A 93 -4.14 -7.23 32.48
CA ASP A 93 -5.48 -6.72 32.77
C ASP A 93 -5.72 -5.36 32.13
N LYS A 94 -4.75 -4.46 32.23
CA LYS A 94 -4.89 -3.14 31.63
C LYS A 94 -5.01 -3.23 30.11
N SER A 95 -4.18 -4.07 29.49
CA SER A 95 -4.24 -4.25 28.04
C SER A 95 -5.58 -4.84 27.62
N LYS A 96 -6.07 -5.82 28.36
CA LYS A 96 -7.37 -6.42 28.05
C LYS A 96 -8.49 -5.40 28.17
N ARG A 97 -8.45 -4.56 29.22
CA ARG A 97 -9.45 -3.52 29.37
C ARG A 97 -9.40 -2.52 28.22
N LEU A 98 -8.20 -2.11 27.83
CA LEU A 98 -8.05 -1.17 26.72
C LEU A 98 -8.58 -1.75 25.42
N ASN A 99 -8.22 -3.01 25.14
CA ASN A 99 -8.70 -3.64 23.91
C ASN A 99 -10.22 -3.84 23.93
N THR A 100 -10.78 -4.16 25.11
CA THR A 100 -12.22 -4.28 25.23
C THR A 100 -12.91 -2.95 24.96
N ILE A 101 -12.35 -1.86 25.48
CA ILE A 101 -12.92 -0.53 25.22
C ILE A 101 -12.86 -0.21 23.74
N LEU A 102 -11.72 -0.49 23.10
CA LEU A 102 -11.59 -0.22 21.67
C LEU A 102 -12.57 -1.05 20.85
N ASN A 103 -12.75 -2.32 21.21
CA ASN A 103 -13.69 -3.16 20.48
C ASN A 103 -15.13 -2.75 20.70
N THR A 104 -15.48 -2.30 21.91
CA THR A 104 -16.84 -1.91 22.24
C THR A 104 -17.21 -0.52 21.75
N MET A 105 -16.22 0.30 21.39
CA MET A 105 -16.53 1.63 20.85
C MET A 105 -16.87 1.57 19.36
N SER A 106 -15.93 1.12 18.52
CA SER A 106 -16.05 1.32 17.09
C SER A 106 -17.19 0.50 16.49
N THR A 107 -17.28 -0.78 16.84
CA THR A 107 -18.31 -1.62 16.25
C THR A 107 -19.70 -1.17 16.66
N ILE A 108 -19.88 -0.81 17.94
CA ILE A 108 -21.18 -0.35 18.40
C ILE A 108 -21.55 0.96 17.73
N TYR A 109 -20.59 1.88 17.60
CA TYR A 109 -20.89 3.15 16.92
C TYR A 109 -21.25 2.92 15.46
N SER A 110 -20.55 2.00 14.79
CA SER A 110 -20.85 1.71 13.40
C SER A 110 -22.24 1.10 13.25
N THR A 111 -22.59 0.17 14.13
CA THR A 111 -23.89 -0.49 14.04
C THR A 111 -25.04 0.39 14.53
N GLY A 112 -24.74 1.47 15.26
CA GLY A 112 -25.78 2.36 15.75
C GLY A 112 -26.61 2.98 14.64
N LYS A 113 -27.93 2.95 14.80
CA LYS A 113 -28.85 3.50 13.82
C LYS A 113 -29.92 4.31 14.52
N VAL A 114 -30.45 5.30 13.81
CA VAL A 114 -31.52 6.17 14.31
C VAL A 114 -32.79 5.88 13.54
N CYS A 115 -33.90 5.75 14.25
CA CYS A 115 -35.17 5.42 13.62
C CYS A 115 -35.92 6.68 13.20
N ASN A 116 -36.95 6.47 12.39
CA ASN A 116 -37.83 7.57 12.02
C ASN A 116 -38.50 8.13 13.27
N PRO A 117 -38.46 9.44 13.49
CA PRO A 117 -39.10 10.01 14.68
C PRO A 117 -40.58 9.68 14.72
N ASP A 118 -41.07 9.39 15.93
CA ASP A 118 -42.43 8.91 16.20
C ASP A 118 -42.87 7.84 15.22
N ASN A 119 -41.92 7.03 14.73
CA ASN A 119 -42.22 5.96 13.79
C ASN A 119 -41.11 4.90 13.82
N PRO A 120 -41.24 3.86 14.64
CA PRO A 120 -40.19 2.83 14.70
C PRO A 120 -40.17 1.89 13.52
N GLN A 121 -41.04 2.10 12.53
CA GLN A 121 -41.08 1.20 11.37
C GLN A 121 -39.79 1.31 10.55
N GLU A 122 -39.27 2.51 10.36
CA GLU A 122 -38.09 2.74 9.54
C GLU A 122 -36.93 3.15 10.45
N CYS A 123 -35.83 2.40 10.37
CA CYS A 123 -34.60 2.70 11.12
C CYS A 123 -33.43 2.54 10.14
N LEU A 124 -33.09 3.63 9.46
CA LEU A 124 -32.00 3.59 8.49
C LEU A 124 -30.65 3.47 9.16
N LEU A 125 -29.74 2.75 8.51
CA LEU A 125 -28.40 2.54 9.04
C LEU A 125 -27.49 3.67 8.59
N LEU A 126 -26.18 3.52 8.83
CA LEU A 126 -25.23 4.56 8.45
C LEU A 126 -24.99 4.60 6.95
N GLU A 127 -24.89 3.43 6.31
CA GLU A 127 -24.63 3.39 4.88
C GLU A 127 -25.75 4.05 4.07
N PRO A 128 -27.03 3.71 4.24
CA PRO A 128 -28.08 4.47 3.55
C PRO A 128 -28.57 5.62 4.41
N GLY A 129 -29.55 6.38 3.93
CA GLY A 129 -30.15 7.39 4.78
C GLY A 129 -29.42 8.71 4.75
N LEU A 130 -28.53 8.91 5.71
CA LEU A 130 -27.84 10.19 5.85
C LEU A 130 -27.07 10.57 4.58
N ASN A 131 -26.68 9.58 3.78
CA ASN A 131 -26.02 9.88 2.51
C ASN A 131 -26.92 10.72 1.61
N GLU A 132 -28.20 10.36 1.53
CA GLU A 132 -29.16 11.16 0.77
C GLU A 132 -29.68 12.35 1.58
N ILE A 133 -29.61 12.28 2.91
CA ILE A 133 -30.02 13.43 3.72
C ILE A 133 -29.10 14.61 3.48
N MET A 134 -27.80 14.37 3.45
CA MET A 134 -26.81 15.40 3.12
C MET A 134 -26.59 15.46 1.62
N ALA A 135 -27.66 15.79 0.91
CA ALA A 135 -27.69 15.78 -0.56
C ALA A 135 -28.67 16.85 -1.02
N ASN A 136 -29.15 16.72 -2.26
CA ASN A 136 -30.07 17.69 -2.84
C ASN A 136 -31.27 18.02 -1.96
N SER A 137 -31.57 17.18 -0.96
CA SER A 137 -32.60 17.52 0.01
C SER A 137 -32.22 18.78 0.76
N LEU A 138 -33.04 19.82 0.64
CA LEU A 138 -32.72 21.14 1.18
C LEU A 138 -33.47 21.45 2.47
N ASP A 139 -34.07 20.44 3.11
CA ASP A 139 -34.84 20.68 4.33
C ASP A 139 -33.88 21.01 5.47
N TYR A 140 -33.81 22.29 5.83
CA TYR A 140 -32.93 22.73 6.91
C TYR A 140 -33.32 22.08 8.23
N ASN A 141 -34.62 22.01 8.53
CA ASN A 141 -35.07 21.41 9.78
C ASN A 141 -34.72 19.93 9.83
N GLU A 142 -34.95 19.21 8.73
CA GLU A 142 -34.62 17.79 8.69
C GLU A 142 -33.12 17.56 8.84
N ARG A 143 -32.31 18.38 8.18
CA ARG A 143 -30.86 18.25 8.29
C ARG A 143 -30.39 18.52 9.72
N LEU A 144 -30.96 19.54 10.36
CA LEU A 144 -30.62 19.83 11.75
C LEU A 144 -31.03 18.69 12.66
N TRP A 145 -32.21 18.11 12.44
CA TRP A 145 -32.64 16.97 13.25
C TRP A 145 -31.69 15.79 13.06
N ALA A 146 -31.28 15.51 11.82
CA ALA A 146 -30.35 14.42 11.58
C ALA A 146 -29.01 14.66 12.26
N TRP A 147 -28.52 15.91 12.22
CA TRP A 147 -27.28 16.24 12.89
C TRP A 147 -27.39 16.05 14.39
N GLU A 148 -28.49 16.50 14.99
CA GLU A 148 -28.68 16.34 16.42
C GLU A 148 -28.75 14.86 16.79
N SER A 149 -29.47 14.06 16.01
CA SER A 149 -29.56 12.63 16.28
C SER A 149 -28.20 11.95 16.17
N TRP A 150 -27.40 12.36 15.18
CA TRP A 150 -26.10 11.75 14.97
C TRP A 150 -25.02 12.27 15.90
N ARG A 151 -25.29 13.35 16.64
CA ARG A 151 -24.29 13.90 17.55
C ARG A 151 -24.63 13.73 19.02
N SER A 152 -25.80 14.20 19.45
CA SER A 152 -26.04 14.43 20.88
C SER A 152 -26.09 13.12 21.67
N GLU A 153 -27.05 12.25 21.33
CA GLU A 153 -27.28 11.07 22.14
C GLU A 153 -26.19 10.02 22.00
N VAL A 154 -25.29 10.16 21.05
CA VAL A 154 -24.13 9.27 20.96
C VAL A 154 -22.94 9.84 21.69
N GLY A 155 -22.64 11.14 21.50
CA GLY A 155 -21.59 11.77 22.28
C GLY A 155 -21.84 11.65 23.76
N LYS A 156 -23.09 11.83 24.19
CA LYS A 156 -23.47 11.37 25.50
C LYS A 156 -23.44 9.85 25.50
N GLN A 157 -22.73 9.28 26.48
CA GLN A 157 -22.42 7.86 26.67
C GLN A 157 -21.28 7.39 25.74
N LEU A 158 -20.76 8.23 24.84
CA LEU A 158 -19.45 7.95 24.28
C LEU A 158 -18.33 8.76 24.92
N ARG A 159 -18.68 9.88 25.56
CA ARG A 159 -17.66 10.71 26.19
C ARG A 159 -16.86 9.99 27.27
N PRO A 160 -17.47 9.28 28.24
CA PRO A 160 -16.65 8.61 29.26
C PRO A 160 -15.71 7.56 28.68
N LEU A 161 -16.13 6.86 27.62
CA LEU A 161 -15.26 5.84 27.02
C LEU A 161 -13.97 6.45 26.51
N TYR A 162 -14.07 7.53 25.73
CA TYR A 162 -12.88 8.20 25.24
C TYR A 162 -12.10 8.88 26.36
N GLU A 163 -12.81 9.36 27.38
CA GLU A 163 -12.14 10.00 28.51
C GLU A 163 -11.26 9.03 29.26
N GLU A 164 -11.71 7.77 29.40
CA GLU A 164 -10.85 6.75 29.97
C GLU A 164 -9.79 6.27 28.98
N TYR A 165 -10.14 6.21 27.69
CA TYR A 165 -9.21 5.72 26.68
C TYR A 165 -7.99 6.62 26.56
N VAL A 166 -8.18 7.94 26.64
CA VAL A 166 -7.04 8.85 26.51
C VAL A 166 -6.08 8.66 27.68
N VAL A 167 -6.60 8.48 28.89
CA VAL A 167 -5.74 8.25 30.04
C VAL A 167 -5.01 6.91 29.91
N LEU A 168 -5.72 5.87 29.48
CA LEU A 168 -5.07 4.57 29.31
C LEU A 168 -3.97 4.64 28.26
N LYS A 169 -4.21 5.35 27.17
CA LYS A 169 -3.21 5.47 26.13
C LYS A 169 -2.04 6.32 26.57
N ASN A 170 -2.28 7.33 27.41
CA ASN A 170 -1.17 8.07 28.01
C ASN A 170 -0.33 7.16 28.89
N GLU A 171 -0.98 6.28 29.66
CA GLU A 171 -0.23 5.31 30.45
C GLU A 171 0.61 4.41 29.55
N MET A 172 0.03 3.95 28.44
CA MET A 172 0.78 3.10 27.50
C MET A 172 1.99 3.84 26.93
N ALA A 173 1.79 5.10 26.54
CA ALA A 173 2.87 5.88 25.95
C ALA A 173 3.99 6.11 26.96
N ARG A 174 3.64 6.43 28.20
CA ARG A 174 4.66 6.58 29.24
C ARG A 174 5.36 5.25 29.50
N ALA A 175 4.61 4.14 29.49
CA ALA A 175 5.21 2.84 29.70
C ALA A 175 6.18 2.47 28.58
N ASN A 176 5.96 2.98 27.37
CA ASN A 176 6.88 2.68 26.27
C ASN A 176 8.07 3.63 26.26
N HIS A 177 8.69 3.88 27.41
CA HIS A 177 9.83 4.79 27.57
C HIS A 177 9.78 5.99 26.63
N TYR A 178 8.62 6.63 26.52
CA TYR A 178 8.39 7.72 25.59
C TYR A 178 7.80 8.94 26.30
N GLU A 179 7.79 10.04 25.57
CA GLU A 179 7.06 11.25 25.93
C GLU A 179 5.60 11.08 25.54
N ASP A 180 4.85 12.18 25.50
CA ASP A 180 3.41 12.14 25.26
C ASP A 180 3.02 11.36 24.01
N TYR A 181 1.75 10.97 23.95
CA TYR A 181 1.27 10.17 22.83
C TYR A 181 1.31 10.96 21.52
N GLY A 182 1.30 12.29 21.58
CA GLY A 182 1.63 13.07 20.41
C GLY A 182 3.04 12.83 19.92
N ASP A 183 3.98 12.73 20.86
CA ASP A 183 5.33 12.31 20.50
C ASP A 183 5.31 10.90 19.89
N TYR A 184 4.48 10.02 20.43
CA TYR A 184 4.42 8.65 19.89
C TYR A 184 3.95 8.65 18.44
N TRP A 185 2.92 9.43 18.12
CA TRP A 185 2.51 9.59 16.72
C TRP A 185 3.62 10.21 15.88
N ARG A 186 4.23 11.29 16.36
CA ARG A 186 5.26 11.95 15.57
C ARG A 186 6.48 11.05 15.36
N GLY A 187 6.61 9.99 16.15
CA GLY A 187 7.75 9.09 16.00
C GLY A 187 7.87 8.49 14.62
N ASP A 188 6.75 8.24 13.94
CA ASP A 188 6.80 7.62 12.62
C ASP A 188 7.49 8.53 11.61
N TYR A 189 7.38 9.84 11.77
CA TYR A 189 8.02 10.79 10.89
C TYR A 189 9.46 11.08 11.26
N GLU A 190 9.96 10.48 12.35
CA GLU A 190 11.28 10.77 12.87
C GLU A 190 12.28 9.71 12.41
N VAL A 191 13.36 10.16 11.78
CA VAL A 191 14.49 9.31 11.42
C VAL A 191 15.76 10.05 11.77
N ASN A 192 16.70 9.34 12.40
CA ASN A 192 17.94 9.95 12.88
C ASN A 192 19.10 9.02 12.52
N GLY A 193 20.27 9.33 13.06
CA GLY A 193 21.45 8.53 12.82
C GLY A 193 21.93 8.56 11.38
N VAL A 194 21.96 9.76 10.79
CA VAL A 194 22.43 9.93 9.41
C VAL A 194 22.87 11.37 9.25
N ASP A 195 23.70 11.62 8.23
CA ASP A 195 24.29 12.93 8.00
C ASP A 195 23.61 13.63 6.83
N GLY A 196 23.46 14.95 6.94
CA GLY A 196 22.94 15.76 5.86
C GLY A 196 21.44 15.95 5.89
N TYR A 197 20.69 14.88 5.62
CA TYR A 197 19.23 14.92 5.53
C TYR A 197 18.57 14.34 6.78
N ASP A 198 19.15 14.60 7.95
CA ASP A 198 18.58 14.12 9.19
C ASP A 198 17.26 14.80 9.49
N TYR A 199 16.40 14.11 10.23
CA TYR A 199 15.12 14.65 10.66
C TYR A 199 14.91 14.32 12.13
N SER A 200 13.77 14.73 12.67
CA SER A 200 13.43 14.50 14.07
C SER A 200 11.93 14.70 14.25
N ARG A 201 11.49 14.72 15.51
CA ARG A 201 10.10 14.96 15.83
C ARG A 201 9.80 16.41 16.14
N GLY A 202 10.79 17.29 16.09
CA GLY A 202 10.58 18.69 16.42
C GLY A 202 10.65 19.62 15.22
N GLN A 203 10.24 19.12 14.06
CA GLN A 203 10.24 19.94 12.85
C GLN A 203 8.91 19.88 12.12
N LEU A 204 8.18 18.78 12.31
CA LEU A 204 6.91 18.59 11.59
C LEU A 204 5.87 19.62 12.01
N ILE A 205 5.80 19.93 13.30
CA ILE A 205 4.84 20.92 13.79
C ILE A 205 5.12 22.28 13.15
N GLU A 206 6.40 22.67 13.12
CA GLU A 206 6.77 23.94 12.52
C GLU A 206 6.49 23.95 11.03
N ASP A 207 6.74 22.83 10.35
CA ASP A 207 6.44 22.75 8.92
C ASP A 207 4.94 22.91 8.67
N VAL A 208 4.12 22.26 9.48
CA VAL A 208 2.67 22.39 9.35
C VAL A 208 2.24 23.83 9.59
N GLU A 209 2.80 24.47 10.62
CA GLU A 209 2.45 25.85 10.92
C GLU A 209 2.81 26.77 9.76
N HIS A 210 4.03 26.60 9.21
CA HIS A 210 4.45 27.44 8.09
C HIS A 210 3.57 27.22 6.87
N THR A 211 3.24 25.97 6.57
CA THR A 211 2.40 25.69 5.40
C THR A 211 1.01 26.29 5.57
N PHE A 212 0.43 26.16 6.76
CA PHE A 212 -0.89 26.75 7.00
C PHE A 212 -0.84 28.27 6.88
N GLU A 213 0.21 28.88 7.42
CA GLU A 213 0.35 30.34 7.31
C GLU A 213 0.46 30.77 5.85
N GLU A 214 1.21 30.01 5.05
CA GLU A 214 1.35 30.35 3.64
C GLU A 214 0.04 30.13 2.88
N ILE A 215 -0.76 29.14 3.28
CA ILE A 215 -1.95 28.76 2.52
C ILE A 215 -3.21 29.49 2.97
N LYS A 216 -3.19 30.19 4.10
CA LYS A 216 -4.40 30.81 4.63
C LYS A 216 -5.15 31.72 3.64
N PRO A 217 -4.50 32.64 2.92
CA PRO A 217 -5.29 33.56 2.07
C PRO A 217 -6.11 32.86 0.99
N LEU A 218 -5.59 31.79 0.40
CA LEU A 218 -6.33 31.09 -0.65
C LEU A 218 -7.62 30.50 -0.10
N TYR A 219 -7.53 29.81 1.04
CA TYR A 219 -8.73 29.27 1.67
C TYR A 219 -9.67 30.40 2.09
N GLU A 220 -9.11 31.51 2.56
CA GLU A 220 -9.94 32.65 2.92
C GLU A 220 -10.80 33.10 1.75
N HIS A 221 -10.16 33.34 0.60
CA HIS A 221 -10.89 33.80 -0.58
C HIS A 221 -11.88 32.75 -1.06
N LEU A 222 -11.48 31.48 -1.06
CA LEU A 222 -12.36 30.43 -1.57
C LEU A 222 -13.60 30.28 -0.70
N HIS A 223 -13.44 30.27 0.63
CA HIS A 223 -14.62 30.10 1.47
C HIS A 223 -15.46 31.37 1.52
N ALA A 224 -14.83 32.53 1.33
CA ALA A 224 -15.62 33.75 1.19
C ALA A 224 -16.50 33.70 -0.05
N TYR A 225 -15.94 33.22 -1.17
CA TYR A 225 -16.74 33.05 -2.38
C TYR A 225 -17.84 32.03 -2.16
N VAL A 226 -17.54 30.94 -1.46
CA VAL A 226 -18.56 29.92 -1.18
C VAL A 226 -19.68 30.50 -0.34
N ARG A 227 -19.34 31.28 0.68
CA ARG A 227 -20.36 31.90 1.53
C ARG A 227 -21.20 32.90 0.74
N ALA A 228 -20.56 33.68 -0.12
CA ALA A 228 -21.31 34.62 -0.95
C ALA A 228 -22.28 33.89 -1.87
N LYS A 229 -21.84 32.77 -2.45
CA LYS A 229 -22.74 31.97 -3.29
C LYS A 229 -23.88 31.37 -2.48
N LEU A 230 -23.58 30.90 -1.27
CA LEU A 230 -24.58 30.22 -0.44
C LEU A 230 -25.54 31.18 0.25
N MET A 231 -25.22 32.49 0.29
CA MET A 231 -26.12 33.45 0.92
C MET A 231 -27.52 33.41 0.31
N ASN A 232 -27.63 33.14 -0.99
CA ASN A 232 -28.93 33.13 -1.65
C ASN A 232 -29.77 31.94 -1.22
N ALA A 233 -29.14 30.78 -1.00
CA ALA A 233 -29.89 29.56 -0.77
C ALA A 233 -30.69 29.63 0.53
N TYR A 234 -30.05 30.03 1.62
CA TYR A 234 -30.68 30.08 2.94
C TYR A 234 -30.37 31.43 3.58
N PRO A 235 -31.07 32.49 3.19
CA PRO A 235 -30.84 33.80 3.82
C PRO A 235 -31.62 33.96 5.11
N SER A 236 -31.57 32.95 5.98
CA SER A 236 -32.27 33.01 7.26
C SER A 236 -31.48 32.39 8.41
N TYR A 237 -30.26 31.92 8.18
CA TYR A 237 -29.47 31.30 9.24
C TYR A 237 -28.03 31.78 9.30
N ILE A 238 -27.53 32.50 8.29
CA ILE A 238 -26.14 32.91 8.22
C ILE A 238 -26.07 34.43 8.21
N SER A 239 -25.34 34.99 9.17
CA SER A 239 -25.10 36.42 9.16
C SER A 239 -24.15 36.79 8.03
N PRO A 240 -24.31 37.98 7.44
CA PRO A 240 -23.36 38.40 6.39
C PRO A 240 -21.93 38.48 6.88
N ILE A 241 -21.71 38.81 8.16
CA ILE A 241 -20.38 38.89 8.74
C ILE A 241 -20.20 37.86 9.85
N GLY A 242 -21.01 36.81 9.85
CA GLY A 242 -20.98 35.77 10.86
C GLY A 242 -20.19 34.55 10.42
N CYS A 243 -20.65 33.38 10.86
CA CYS A 243 -19.98 32.12 10.58
C CYS A 243 -20.97 31.13 9.99
N LEU A 244 -20.46 30.19 9.21
CA LEU A 244 -21.28 29.17 8.57
C LEU A 244 -21.74 28.12 9.59
N PRO A 245 -22.93 27.57 9.41
CA PRO A 245 -23.36 26.45 10.24
C PRO A 245 -22.70 25.15 9.82
N ALA A 246 -22.71 24.18 10.74
CA ALA A 246 -21.98 22.94 10.52
C ALA A 246 -22.67 22.05 9.49
N HIS A 247 -24.00 21.94 9.58
CA HIS A 247 -24.73 20.93 8.81
C HIS A 247 -25.09 21.38 7.40
N LEU A 248 -24.51 22.46 6.89
CA LEU A 248 -24.76 22.88 5.51
C LEU A 248 -23.50 22.81 4.65
N LEU A 249 -22.54 21.97 5.03
CA LEU A 249 -21.31 21.79 4.24
C LEU A 249 -21.45 20.68 3.21
N GLY A 250 -22.64 20.11 3.04
CA GLY A 250 -22.84 19.02 2.12
C GLY A 250 -22.52 17.65 2.69
N ASP A 251 -22.06 17.58 3.93
CA ASP A 251 -21.75 16.31 4.57
C ASP A 251 -21.71 16.52 6.07
N MET A 252 -22.30 15.57 6.82
CA MET A 252 -22.30 15.67 8.27
C MET A 252 -20.89 15.59 8.83
N TRP A 253 -20.05 14.74 8.23
CA TRP A 253 -18.67 14.59 8.68
C TRP A 253 -17.74 15.64 8.10
N GLY A 254 -18.22 16.45 7.16
CA GLY A 254 -17.34 17.42 6.52
C GLY A 254 -16.24 16.73 5.76
N ARG A 255 -15.03 17.30 5.85
CA ARG A 255 -13.82 16.71 5.31
C ARG A 255 -13.81 16.70 3.79
N PHE A 256 -14.92 17.10 3.17
CA PHE A 256 -15.03 17.10 1.72
C PHE A 256 -16.07 18.13 1.31
N TRP A 257 -15.84 18.78 0.17
CA TRP A 257 -16.74 19.80 -0.35
C TRP A 257 -17.24 19.47 -1.76
N THR A 258 -17.12 18.21 -2.17
CA THR A 258 -17.57 17.82 -3.50
C THR A 258 -19.09 17.94 -3.62
N ASN A 259 -19.81 17.76 -2.51
CA ASN A 259 -21.28 17.79 -2.55
C ASN A 259 -21.79 19.16 -3.00
N LEU A 260 -21.17 20.23 -2.50
CA LEU A 260 -21.65 21.59 -2.79
C LEU A 260 -21.31 22.07 -4.19
N TYR A 261 -20.83 21.17 -5.07
CA TYR A 261 -20.49 21.59 -6.43
C TYR A 261 -21.72 22.00 -7.22
N SER A 262 -22.89 21.43 -6.90
CA SER A 262 -24.08 21.63 -7.71
C SER A 262 -24.51 23.09 -7.75
N LEU A 263 -24.92 23.65 -6.62
CA LEU A 263 -25.39 25.04 -6.60
C LEU A 263 -24.28 26.01 -6.20
N THR A 264 -23.11 25.85 -6.83
CA THR A 264 -22.02 26.82 -6.66
C THR A 264 -21.29 27.17 -7.96
N VAL A 265 -21.34 26.33 -8.98
CA VAL A 265 -20.50 26.54 -10.16
C VAL A 265 -21.03 27.72 -10.97
N PRO A 266 -20.18 28.64 -11.39
CA PRO A 266 -20.61 29.69 -12.31
C PRO A 266 -20.59 29.21 -13.75
N PHE A 267 -21.25 29.98 -14.61
CA PHE A 267 -21.34 29.70 -16.05
C PHE A 267 -21.94 28.31 -16.29
N GLY A 268 -23.19 28.15 -15.84
CA GLY A 268 -23.90 26.91 -16.06
C GLY A 268 -24.33 26.68 -17.49
N GLN A 269 -24.28 27.73 -18.32
CA GLN A 269 -24.61 27.58 -19.74
C GLN A 269 -23.60 26.66 -20.42
N LYS A 270 -22.33 26.79 -20.09
CA LYS A 270 -21.31 25.93 -20.66
C LYS A 270 -21.50 24.50 -20.16
N PRO A 271 -21.66 23.52 -21.04
CA PRO A 271 -21.88 22.15 -20.58
C PRO A 271 -20.66 21.60 -19.85
N ASN A 272 -20.91 20.65 -18.95
CA ASN A 272 -19.86 19.99 -18.20
C ASN A 272 -19.20 18.94 -19.08
N ILE A 273 -18.34 18.10 -18.49
CA ILE A 273 -17.63 17.06 -19.21
C ILE A 273 -18.03 15.71 -18.62
N ASP A 274 -18.36 14.76 -19.50
CA ASP A 274 -18.70 13.40 -19.11
C ASP A 274 -18.79 12.56 -20.37
N VAL A 275 -18.38 11.30 -20.27
CA VAL A 275 -18.40 10.36 -21.39
C VAL A 275 -19.26 9.14 -21.10
N THR A 276 -20.00 9.15 -19.99
CA THR A 276 -20.76 7.97 -19.59
C THR A 276 -21.77 7.55 -20.64
N ASP A 277 -22.45 8.52 -21.25
CA ASP A 277 -23.42 8.20 -22.29
C ASP A 277 -22.74 7.55 -23.50
N ALA A 278 -21.58 8.07 -23.89
CA ALA A 278 -20.90 7.56 -25.07
C ALA A 278 -20.26 6.20 -24.83
N MET A 279 -19.93 5.89 -23.56
CA MET A 279 -19.25 4.63 -23.27
C MET A 279 -20.12 3.43 -23.62
N VAL A 280 -21.38 3.44 -23.18
CA VAL A 280 -22.26 2.31 -23.44
C VAL A 280 -22.56 2.20 -24.93
N ASP A 281 -22.69 3.34 -25.61
CA ASP A 281 -22.91 3.31 -27.05
C ASP A 281 -21.70 2.76 -27.79
N GLN A 282 -20.50 3.00 -27.29
CA GLN A 282 -19.28 2.43 -27.85
C GLN A 282 -18.98 1.05 -27.29
N ALA A 283 -19.85 0.51 -26.43
CA ALA A 283 -19.76 -0.87 -25.92
C ALA A 283 -18.48 -1.08 -25.12
N TRP A 284 -18.38 -0.33 -24.02
CA TRP A 284 -17.27 -0.46 -23.08
C TRP A 284 -17.73 -1.25 -21.86
N ASP A 285 -16.90 -2.20 -21.43
CA ASP A 285 -17.17 -3.02 -20.27
C ASP A 285 -16.00 -2.92 -19.30
N ALA A 286 -16.08 -3.69 -18.20
CA ALA A 286 -15.09 -3.59 -17.14
C ALA A 286 -13.71 -4.03 -17.62
N GLN A 287 -13.65 -5.11 -18.41
CA GLN A 287 -12.37 -5.61 -18.89
C GLN A 287 -11.67 -4.57 -19.75
N ARG A 288 -12.40 -3.97 -20.70
CA ARG A 288 -11.82 -2.92 -21.53
C ARG A 288 -11.48 -1.68 -20.72
N ILE A 289 -12.26 -1.40 -19.68
CA ILE A 289 -11.94 -0.28 -18.78
C ILE A 289 -10.57 -0.48 -18.15
N PHE A 290 -10.36 -1.66 -17.58
CA PHE A 290 -9.08 -1.92 -16.91
C PHE A 290 -7.93 -1.99 -17.91
N LYS A 291 -8.19 -2.53 -19.10
CA LYS A 291 -7.14 -2.56 -20.12
C LYS A 291 -6.75 -1.15 -20.54
N GLU A 292 -7.74 -0.27 -20.75
CA GLU A 292 -7.44 1.11 -21.11
C GLU A 292 -6.70 1.82 -20.00
N ALA A 293 -7.08 1.56 -18.75
CA ALA A 293 -6.37 2.14 -17.61
C ALA A 293 -4.91 1.69 -17.59
N GLU A 294 -4.68 0.41 -17.81
CA GLU A 294 -3.32 -0.12 -17.78
C GLU A 294 -2.49 0.32 -18.98
N LYS A 295 -3.14 0.68 -20.10
CA LYS A 295 -2.40 1.07 -21.29
C LYS A 295 -1.53 2.30 -21.06
N PHE A 296 -1.98 3.23 -20.21
CA PHE A 296 -1.18 4.42 -19.94
C PHE A 296 0.12 4.06 -19.23
N PHE A 297 0.04 3.24 -18.18
CA PHE A 297 1.24 2.80 -17.49
C PHE A 297 2.11 1.93 -18.40
N VAL A 298 1.50 1.20 -19.33
CA VAL A 298 2.29 0.44 -20.30
C VAL A 298 3.08 1.40 -21.19
N SER A 299 2.42 2.46 -21.67
CA SER A 299 3.04 3.37 -22.62
C SER A 299 4.17 4.16 -21.96
N VAL A 300 3.98 4.58 -20.70
CA VAL A 300 5.03 5.37 -20.05
C VAL A 300 6.30 4.56 -19.83
N GLY A 301 6.21 3.23 -19.85
CA GLY A 301 7.37 2.36 -19.75
C GLY A 301 7.35 1.41 -18.58
N LEU A 302 6.51 1.64 -17.59
CA LEU A 302 6.47 0.78 -16.41
C LEU A 302 5.96 -0.61 -16.78
N PRO A 303 6.43 -1.65 -16.09
CA PRO A 303 5.98 -3.01 -16.41
C PRO A 303 4.50 -3.20 -16.11
N ASN A 304 3.88 -4.09 -16.87
CA ASN A 304 2.46 -4.38 -16.73
C ASN A 304 2.27 -5.75 -16.08
N MET A 305 1.01 -6.12 -15.91
CA MET A 305 0.65 -7.30 -15.12
C MET A 305 0.92 -8.58 -15.92
N THR A 306 0.59 -9.70 -15.30
CA THR A 306 0.89 -11.02 -15.85
C THR A 306 -0.35 -11.92 -15.88
N GLN A 307 -0.14 -13.21 -16.08
CA GLN A 307 -1.19 -14.24 -16.14
C GLN A 307 -1.77 -14.57 -14.77
N GLY A 308 -1.46 -13.72 -13.79
CA GLY A 308 -1.88 -13.84 -12.42
C GLY A 308 -3.06 -12.92 -12.16
N PHE A 309 -2.77 -11.71 -11.67
CA PHE A 309 -3.77 -10.69 -11.36
C PHE A 309 -4.95 -10.64 -12.30
N TRP A 310 -4.72 -10.71 -13.62
CA TRP A 310 -5.82 -10.63 -14.57
C TRP A 310 -6.78 -11.80 -14.43
N GLU A 311 -6.25 -13.02 -14.36
CA GLU A 311 -7.11 -14.18 -14.15
C GLU A 311 -7.79 -14.12 -12.79
N ASN A 312 -7.06 -13.70 -11.77
CA ASN A 312 -7.60 -13.52 -10.43
C ASN A 312 -8.23 -12.13 -10.33
N SER A 313 -8.47 -11.65 -9.11
CA SER A 313 -8.91 -10.28 -8.85
C SER A 313 -10.25 -9.98 -9.54
N MET A 314 -11.28 -10.66 -9.03
CA MET A 314 -12.64 -10.46 -9.52
C MET A 314 -12.99 -8.97 -9.56
N LEU A 315 -13.54 -8.55 -10.71
CA LEU A 315 -13.89 -7.16 -10.93
C LEU A 315 -15.39 -6.91 -11.09
N THR A 316 -16.19 -7.95 -11.24
CA THR A 316 -17.63 -7.81 -11.44
C THR A 316 -18.37 -8.32 -10.22
N ASP A 317 -19.45 -7.63 -9.86
CA ASP A 317 -20.28 -8.07 -8.75
C ASP A 317 -21.05 -9.32 -9.15
N PRO A 318 -20.86 -10.46 -8.46
CA PRO A 318 -21.57 -11.69 -8.80
C PRO A 318 -22.99 -11.76 -8.23
N GLY A 319 -23.78 -10.74 -8.50
CA GLY A 319 -25.14 -10.71 -8.00
C GLY A 319 -25.19 -10.59 -6.50
N ASN A 320 -26.14 -11.30 -5.90
CA ASN A 320 -26.33 -11.27 -4.45
C ASN A 320 -25.98 -12.58 -3.76
N VAL A 321 -25.78 -13.66 -4.51
CA VAL A 321 -25.40 -14.93 -3.90
C VAL A 321 -24.02 -14.81 -3.25
N GLN A 322 -23.09 -14.17 -3.94
CA GLN A 322 -21.74 -13.94 -3.43
C GLN A 322 -21.50 -12.45 -3.18
N LYS A 323 -22.51 -11.79 -2.61
CA LYS A 323 -22.40 -10.37 -2.31
C LYS A 323 -21.29 -10.12 -1.30
N ALA A 324 -20.59 -9.00 -1.46
CA ALA A 324 -19.50 -8.64 -0.57
C ALA A 324 -19.39 -7.12 -0.49
N VAL A 325 -19.07 -6.62 0.69
CA VAL A 325 -18.82 -5.20 0.88
C VAL A 325 -17.59 -4.83 0.07
N CYS A 326 -17.77 -4.03 -0.97
CA CYS A 326 -16.70 -3.74 -1.93
C CYS A 326 -16.35 -2.26 -1.89
N HIS A 327 -15.28 -1.94 -1.16
CA HIS A 327 -14.63 -0.64 -1.26
C HIS A 327 -13.33 -0.84 -2.02
N PRO A 328 -13.18 -0.30 -3.22
CA PRO A 328 -11.97 -0.58 -4.03
C PRO A 328 -10.67 -0.35 -3.29
N THR A 329 -9.93 -1.44 -3.05
CA THR A 329 -8.63 -1.37 -2.38
C THR A 329 -7.64 -2.25 -3.13
N ALA A 330 -6.36 -1.90 -3.00
CA ALA A 330 -5.28 -2.65 -3.63
C ALA A 330 -4.77 -3.70 -2.64
N TRP A 331 -4.80 -4.96 -3.05
CA TRP A 331 -4.45 -6.07 -2.17
C TRP A 331 -3.00 -6.49 -2.40
N ASP A 332 -2.24 -6.60 -1.32
CA ASP A 332 -0.87 -7.11 -1.35
C ASP A 332 -0.92 -8.54 -0.82
N LEU A 333 -1.19 -9.48 -1.73
CA LEU A 333 -1.32 -10.89 -1.32
C LEU A 333 -0.01 -11.41 -0.74
N GLY A 334 1.12 -11.05 -1.34
CA GLY A 334 2.41 -11.47 -0.84
C GLY A 334 3.00 -12.61 -1.67
N LYS A 335 4.31 -12.76 -1.56
CA LYS A 335 5.06 -13.79 -2.26
C LYS A 335 4.82 -13.71 -3.77
N GLY A 336 5.14 -12.54 -4.33
CA GLY A 336 5.01 -12.32 -5.76
C GLY A 336 3.59 -12.39 -6.28
N ASP A 337 2.66 -11.73 -5.60
CA ASP A 337 1.28 -11.68 -6.06
C ASP A 337 0.67 -10.34 -5.69
N PHE A 338 -0.26 -9.88 -6.52
CA PHE A 338 -0.99 -8.64 -6.27
C PHE A 338 -2.39 -8.77 -6.85
N ARG A 339 -3.36 -8.19 -6.14
CA ARG A 339 -4.76 -8.35 -6.50
C ARG A 339 -5.51 -7.04 -6.28
N ILE A 340 -6.64 -6.91 -6.97
CA ILE A 340 -7.52 -5.75 -6.84
C ILE A 340 -8.95 -6.25 -6.64
N LEU A 341 -9.62 -5.72 -5.61
CA LEU A 341 -11.03 -5.98 -5.37
C LEU A 341 -11.80 -4.68 -5.53
N MET A 342 -12.78 -4.69 -6.44
CA MET A 342 -13.59 -3.50 -6.69
C MET A 342 -14.85 -3.83 -7.46
N CYS A 343 -16.01 -3.43 -6.94
CA CYS A 343 -17.24 -3.50 -7.73
C CYS A 343 -17.17 -2.49 -8.86
N THR A 344 -17.52 -2.92 -10.07
CA THR A 344 -17.35 -2.11 -11.26
C THR A 344 -18.71 -1.71 -11.83
N LYS A 345 -18.89 -0.41 -12.02
CA LYS A 345 -20.01 0.14 -12.77
C LYS A 345 -19.46 1.13 -13.79
N VAL A 346 -20.17 1.27 -14.90
CA VAL A 346 -19.65 2.08 -16.00
C VAL A 346 -19.90 3.56 -15.72
N THR A 347 -18.94 4.19 -15.01
CA THR A 347 -19.05 5.58 -14.63
C THR A 347 -17.65 6.19 -14.58
N MET A 348 -17.62 7.53 -14.68
CA MET A 348 -16.36 8.26 -14.66
C MET A 348 -15.65 8.11 -13.31
N ASP A 349 -16.40 8.16 -12.21
CA ASP A 349 -15.78 8.02 -10.90
C ASP A 349 -15.20 6.63 -10.71
N ASP A 350 -15.90 5.59 -11.19
CA ASP A 350 -15.38 4.24 -11.11
C ASP A 350 -14.13 4.09 -11.97
N PHE A 351 -14.11 4.72 -13.14
CA PHE A 351 -12.89 4.70 -13.96
C PHE A 351 -11.73 5.38 -13.23
N LEU A 352 -12.01 6.51 -12.57
CA LEU A 352 -10.97 7.20 -11.82
C LEU A 352 -10.44 6.33 -10.68
N THR A 353 -11.34 5.65 -9.98
CA THR A 353 -10.93 4.75 -8.91
C THR A 353 -10.12 3.57 -9.46
N ALA A 354 -10.48 3.10 -10.66
CA ALA A 354 -9.69 2.04 -11.29
C ALA A 354 -8.27 2.51 -11.59
N HIS A 355 -8.14 3.75 -12.08
CA HIS A 355 -6.81 4.33 -12.27
C HIS A 355 -6.04 4.38 -10.94
N HIS A 356 -6.71 4.83 -9.88
CA HIS A 356 -6.07 4.92 -8.57
C HIS A 356 -5.56 3.56 -8.10
N GLU A 357 -6.42 2.54 -8.18
CA GLU A 357 -6.03 1.21 -7.74
C GLU A 357 -4.91 0.63 -8.60
N MET A 358 -4.96 0.88 -9.92
CA MET A 358 -3.90 0.41 -10.79
C MET A 358 -2.57 1.05 -10.42
N GLY A 359 -2.56 2.35 -10.12
CA GLY A 359 -1.34 2.99 -9.66
C GLY A 359 -0.83 2.40 -8.36
N HIS A 360 -1.75 2.16 -7.42
CA HIS A 360 -1.36 1.55 -6.14
C HIS A 360 -0.67 0.21 -6.37
N ILE A 361 -1.30 -0.67 -7.16
CA ILE A 361 -0.74 -2.00 -7.39
C ILE A 361 0.57 -1.91 -8.16
N GLN A 362 0.66 -0.96 -9.10
CA GLN A 362 1.89 -0.79 -9.85
C GLN A 362 3.03 -0.41 -8.92
N TYR A 363 2.79 0.50 -7.98
CA TYR A 363 3.82 0.85 -7.01
C TYR A 363 4.21 -0.35 -6.15
N ASP A 364 3.21 -1.08 -5.66
CA ASP A 364 3.50 -2.21 -4.78
C ASP A 364 4.30 -3.29 -5.50
N MET A 365 4.01 -3.51 -6.79
CA MET A 365 4.86 -4.40 -7.58
C MET A 365 6.22 -3.77 -7.84
N ALA A 366 6.29 -2.44 -7.93
CA ALA A 366 7.56 -1.79 -8.20
C ALA A 366 8.56 -2.04 -7.09
N TYR A 367 8.14 -1.96 -5.83
CA TYR A 367 9.03 -2.29 -4.72
C TYR A 367 8.69 -3.69 -4.22
N ALA A 368 9.56 -4.65 -4.53
CA ALA A 368 9.39 -6.02 -4.04
C ALA A 368 10.66 -6.72 -3.58
N ALA A 369 11.85 -6.24 -3.94
CA ALA A 369 13.10 -6.93 -3.63
C ALA A 369 13.74 -6.38 -2.37
N GLN A 370 12.99 -6.42 -1.27
CA GLN A 370 13.43 -5.93 0.02
C GLN A 370 13.00 -6.91 1.10
N PRO A 371 13.66 -6.88 2.26
CA PRO A 371 13.23 -7.72 3.38
C PRO A 371 11.80 -7.39 3.82
N PHE A 372 11.28 -8.23 4.71
CA PHE A 372 9.86 -8.14 5.06
C PHE A 372 9.52 -6.80 5.72
N LEU A 373 10.25 -6.44 6.76
CA LEU A 373 9.96 -5.17 7.44
C LEU A 373 10.67 -4.01 6.77
N LEU A 374 10.59 -3.96 5.44
CA LEU A 374 11.10 -2.83 4.68
C LEU A 374 10.18 -2.43 3.53
N ARG A 375 9.21 -3.26 3.16
CA ARG A 375 8.38 -3.04 1.98
C ARG A 375 7.20 -2.15 2.37
N ASN A 376 7.38 -0.85 2.20
CA ASN A 376 6.33 0.15 2.45
C ASN A 376 6.83 1.48 1.92
N GLY A 377 5.99 2.50 2.03
CA GLY A 377 6.41 3.84 1.68
C GLY A 377 7.26 4.47 2.76
N ALA A 378 8.05 5.47 2.36
CA ALA A 378 8.86 6.20 3.33
C ALA A 378 7.99 6.91 4.36
N ASN A 379 6.90 7.51 3.91
CA ASN A 379 5.93 8.13 4.79
C ASN A 379 4.56 7.51 4.55
N GLU A 380 3.64 7.76 5.48
CA GLU A 380 2.31 7.17 5.38
C GLU A 380 1.57 7.68 4.15
N GLY A 381 1.70 8.97 3.84
CA GLY A 381 0.94 9.55 2.75
C GLY A 381 1.47 9.26 1.36
N PHE A 382 2.71 8.77 1.24
CA PHE A 382 3.27 8.47 -0.07
C PHE A 382 2.47 7.39 -0.78
N HIS A 383 2.04 6.36 -0.04
CA HIS A 383 1.39 5.22 -0.67
C HIS A 383 0.10 5.65 -1.36
N GLU A 384 -0.69 6.50 -0.71
CA GLU A 384 -1.91 7.01 -1.33
C GLU A 384 -1.60 8.07 -2.38
N ALA A 385 -0.61 8.94 -2.13
CA ALA A 385 -0.34 10.04 -3.04
C ALA A 385 0.16 9.55 -4.40
N VAL A 386 0.99 8.50 -4.40
CA VAL A 386 1.55 8.00 -5.66
C VAL A 386 0.48 7.44 -6.59
N GLY A 387 -0.71 7.16 -6.07
CA GLY A 387 -1.83 6.78 -6.91
C GLY A 387 -2.76 7.94 -7.16
N GLU A 388 -2.86 8.85 -6.19
CA GLU A 388 -3.70 10.03 -6.35
C GLU A 388 -3.20 10.90 -7.50
N ILE A 389 -1.89 11.03 -7.64
CA ILE A 389 -1.33 11.86 -8.72
C ILE A 389 -1.70 11.26 -10.08
N MET A 390 -1.53 9.95 -10.22
CA MET A 390 -1.87 9.29 -11.48
C MET A 390 -3.35 9.39 -11.79
N SER A 391 -4.19 9.23 -10.76
CA SER A 391 -5.63 9.39 -10.96
C SER A 391 -5.98 10.81 -11.38
N LEU A 392 -5.31 11.80 -10.79
CA LEU A 392 -5.58 13.20 -11.12
C LEU A 392 -5.18 13.52 -12.55
N SER A 393 -3.99 13.08 -12.97
CA SER A 393 -3.49 13.46 -14.29
C SER A 393 -3.97 12.50 -15.38
N ALA A 394 -5.26 12.19 -15.36
CA ALA A 394 -5.88 11.43 -16.45
C ALA A 394 -7.22 11.98 -16.91
N ALA A 395 -7.86 12.85 -16.14
CA ALA A 395 -9.13 13.47 -16.53
C ALA A 395 -8.93 14.79 -17.25
N THR A 396 -7.69 15.17 -17.52
CA THR A 396 -7.42 16.41 -18.24
C THR A 396 -8.00 16.32 -19.65
N PRO A 397 -8.57 17.40 -20.18
CA PRO A 397 -9.12 17.34 -21.55
C PRO A 397 -8.10 16.90 -22.58
N LYS A 398 -6.82 17.22 -22.41
CA LYS A 398 -5.82 16.70 -23.33
C LYS A 398 -5.75 15.18 -23.26
N HIS A 399 -5.79 14.62 -22.05
CA HIS A 399 -5.81 13.17 -21.91
C HIS A 399 -7.05 12.57 -22.54
N LEU A 400 -8.20 13.23 -22.37
CA LEU A 400 -9.43 12.74 -22.99
C LEU A 400 -9.33 12.76 -24.52
N LYS A 401 -8.75 13.83 -25.08
CA LYS A 401 -8.55 13.90 -26.51
C LYS A 401 -7.62 12.79 -27.00
N SER A 402 -6.57 12.52 -26.23
CA SER A 402 -5.69 11.41 -26.57
C SER A 402 -6.42 10.08 -26.53
N ILE A 403 -7.31 9.91 -25.54
CA ILE A 403 -8.10 8.68 -25.45
C ILE A 403 -9.00 8.52 -26.67
N GLY A 404 -9.67 9.60 -27.07
CA GLY A 404 -10.51 9.60 -28.24
C GLY A 404 -12.00 9.48 -27.99
N LEU A 405 -12.41 9.18 -26.75
CA LEU A 405 -13.84 9.11 -26.45
C LEU A 405 -14.50 10.46 -26.65
N LEU A 406 -13.86 11.53 -26.17
CA LEU A 406 -14.43 12.86 -26.31
C LEU A 406 -14.38 13.31 -27.77
N SER A 407 -15.50 13.81 -28.26
CA SER A 407 -15.56 14.29 -29.63
C SER A 407 -14.72 15.55 -29.78
N PRO A 408 -14.08 15.75 -30.93
CA PRO A 408 -13.29 16.97 -31.14
C PRO A 408 -14.12 18.24 -31.10
N ASP A 409 -15.44 18.15 -31.24
CA ASP A 409 -16.31 19.32 -31.21
C ASP A 409 -16.33 20.00 -29.84
N PHE A 410 -15.82 19.35 -28.80
CA PHE A 410 -15.69 20.01 -27.51
C PHE A 410 -14.76 21.21 -27.63
N GLN A 411 -15.14 22.30 -26.98
CA GLN A 411 -14.42 23.58 -27.11
C GLN A 411 -13.56 23.82 -25.88
N GLU A 412 -12.29 24.17 -26.13
CA GLU A 412 -11.34 24.47 -25.05
C GLU A 412 -11.56 25.91 -24.58
N ASP A 413 -12.67 26.11 -23.87
CA ASP A 413 -13.07 27.42 -23.40
C ASP A 413 -12.50 27.72 -22.03
N ASN A 414 -12.07 28.97 -21.83
CA ASN A 414 -11.53 29.38 -20.54
C ASN A 414 -12.57 29.23 -19.44
N GLU A 415 -13.85 29.42 -19.76
CA GLU A 415 -14.90 29.18 -18.76
C GLU A 415 -14.94 27.72 -18.34
N THR A 416 -14.81 26.80 -19.31
CA THR A 416 -14.79 25.37 -18.98
C THR A 416 -13.57 25.03 -18.13
N GLU A 417 -12.41 25.60 -18.48
CA GLU A 417 -11.22 25.37 -17.66
C GLU A 417 -11.40 25.89 -16.26
N ILE A 418 -12.01 27.07 -16.11
CA ILE A 418 -12.28 27.64 -14.80
C ILE A 418 -13.20 26.73 -14.01
N ASN A 419 -14.23 26.20 -14.65
CA ASN A 419 -15.17 25.32 -13.96
C ASN A 419 -14.48 24.03 -13.50
N PHE A 420 -13.63 23.45 -14.36
CA PHE A 420 -12.92 22.23 -13.96
C PHE A 420 -11.97 22.51 -12.79
N LEU A 421 -11.24 23.62 -12.85
CA LEU A 421 -10.34 23.96 -11.76
C LEU A 421 -11.11 24.21 -10.47
N LEU A 422 -12.27 24.86 -10.57
CA LEU A 422 -13.10 25.07 -9.38
C LEU A 422 -13.57 23.73 -8.80
N LYS A 423 -13.99 22.80 -9.66
CA LYS A 423 -14.45 21.50 -9.19
C LYS A 423 -13.35 20.77 -8.44
N GLN A 424 -12.12 20.78 -8.98
CA GLN A 424 -11.02 20.12 -8.28
C GLN A 424 -10.67 20.86 -6.99
N ALA A 425 -10.55 22.19 -7.07
CA ALA A 425 -10.10 22.97 -5.93
C ALA A 425 -11.08 22.94 -4.78
N LEU A 426 -12.37 22.73 -5.06
CA LEU A 426 -13.34 22.59 -3.97
C LEU A 426 -12.87 21.55 -2.97
N THR A 427 -12.73 20.30 -3.42
CA THR A 427 -12.26 19.24 -2.54
C THR A 427 -10.84 19.50 -2.04
N ILE A 428 -9.95 19.92 -2.95
CA ILE A 428 -8.53 20.01 -2.60
C ILE A 428 -8.31 21.03 -1.49
N VAL A 429 -9.00 22.17 -1.54
CA VAL A 429 -8.83 23.19 -0.51
C VAL A 429 -9.71 22.92 0.69
N GLY A 430 -10.84 22.22 0.50
CA GLY A 430 -11.68 21.91 1.65
C GLY A 430 -11.06 20.93 2.60
N THR A 431 -10.33 19.92 2.07
CA THR A 431 -9.85 18.85 2.92
C THR A 431 -8.79 19.28 3.93
N LEU A 432 -8.08 20.38 3.66
CA LEU A 432 -6.91 20.73 4.47
C LEU A 432 -7.23 21.38 5.82
N PRO A 433 -7.98 22.49 5.86
CA PRO A 433 -8.11 23.22 7.15
C PRO A 433 -8.79 22.41 8.23
N PHE A 434 -9.83 21.65 7.89
CA PHE A 434 -10.50 20.82 8.88
C PHE A 434 -9.57 19.73 9.42
N THR A 435 -8.76 19.13 8.54
CA THR A 435 -7.80 18.13 8.98
C THR A 435 -6.80 18.74 9.95
N TYR A 436 -6.28 19.93 9.61
CA TYR A 436 -5.32 20.58 10.50
C TYR A 436 -5.96 20.90 11.85
N MET A 437 -7.21 21.38 11.83
CA MET A 437 -7.89 21.73 13.06
C MET A 437 -8.07 20.50 13.95
N LEU A 438 -8.54 19.40 13.36
CA LEU A 438 -8.74 18.17 14.13
C LEU A 438 -7.42 17.67 14.70
N GLU A 439 -6.34 17.71 13.92
CA GLU A 439 -5.05 17.24 14.41
C GLU A 439 -4.54 18.11 15.55
N LYS A 440 -4.68 19.43 15.41
CA LYS A 440 -4.26 20.34 16.47
C LYS A 440 -5.01 20.07 17.77
N TRP A 441 -6.33 19.90 17.69
CA TRP A 441 -7.09 19.65 18.90
C TRP A 441 -6.74 18.30 19.52
N ARG A 442 -6.59 17.27 18.70
CA ARG A 442 -6.27 15.96 19.26
C ARG A 442 -4.90 15.96 19.92
N TRP A 443 -3.92 16.63 19.32
CA TRP A 443 -2.61 16.74 19.95
C TRP A 443 -2.68 17.55 21.24
N MET A 444 -3.44 18.64 21.24
CA MET A 444 -3.59 19.45 22.44
C MET A 444 -4.20 18.64 23.58
N VAL A 445 -5.25 17.88 23.28
CA VAL A 445 -5.89 17.08 24.32
C VAL A 445 -4.96 15.99 24.83
N PHE A 446 -4.26 15.31 23.92
CA PHE A 446 -3.38 14.22 24.34
C PHE A 446 -2.24 14.74 25.22
N LYS A 447 -1.68 15.89 24.85
CA LYS A 447 -0.63 16.49 25.68
C LYS A 447 -1.19 16.95 27.02
N GLY A 448 -2.27 17.73 26.99
CA GLY A 448 -2.91 18.19 28.20
C GLY A 448 -2.76 19.68 28.49
N GLU A 449 -3.79 20.47 28.16
CA GLU A 449 -3.86 21.86 28.57
C GLU A 449 -5.22 22.27 29.12
N ILE A 450 -6.27 21.48 28.91
CA ILE A 450 -7.61 21.84 29.35
C ILE A 450 -8.27 20.64 30.02
N PRO A 451 -9.18 20.83 30.96
CA PRO A 451 -9.85 19.70 31.59
C PRO A 451 -11.05 19.24 30.79
N LYS A 452 -11.58 18.08 31.19
CA LYS A 452 -12.67 17.45 30.45
C LYS A 452 -13.92 18.34 30.43
N ASP A 453 -14.21 19.00 31.55
CA ASP A 453 -15.40 19.86 31.63
C ASP A 453 -15.27 21.09 30.75
N GLN A 454 -14.10 21.38 30.21
CA GLN A 454 -13.91 22.47 29.24
C GLN A 454 -13.49 21.95 27.87
N TRP A 455 -13.37 20.63 27.70
CA TRP A 455 -12.85 20.06 26.46
C TRP A 455 -13.72 20.45 25.26
N MET A 456 -15.03 20.21 25.34
CA MET A 456 -15.90 20.49 24.20
C MET A 456 -16.06 21.98 23.96
N LYS A 457 -16.09 22.77 25.05
CA LYS A 457 -16.12 24.21 24.90
C LYS A 457 -14.91 24.71 24.13
N LYS A 458 -13.72 24.22 24.49
CA LYS A 458 -12.52 24.66 23.80
C LYS A 458 -12.49 24.14 22.36
N TRP A 459 -12.92 22.90 22.15
CA TRP A 459 -13.23 22.41 20.80
C TRP A 459 -13.99 23.43 19.97
N TRP A 460 -15.19 23.79 20.41
CA TRP A 460 -16.02 24.64 19.57
C TRP A 460 -15.40 26.03 19.43
N GLU A 461 -14.75 26.51 20.49
CA GLU A 461 -14.09 27.81 20.42
C GLU A 461 -13.04 27.85 19.33
N MET A 462 -12.12 26.88 19.32
CA MET A 462 -11.06 26.91 18.32
C MET A 462 -11.57 26.51 16.94
N LYS A 463 -12.64 25.70 16.88
CA LYS A 463 -13.26 25.41 15.59
C LYS A 463 -13.80 26.69 14.96
N ARG A 464 -14.47 27.52 15.74
CA ARG A 464 -14.91 28.82 15.22
C ARG A 464 -13.73 29.74 14.94
N GLU A 465 -12.67 29.64 15.75
CA GLU A 465 -11.51 30.51 15.57
C GLU A 465 -10.81 30.25 14.24
N ILE A 466 -10.61 28.98 13.88
CA ILE A 466 -9.81 28.65 12.72
C ILE A 466 -10.69 28.28 11.53
N VAL A 467 -11.52 27.24 11.70
CA VAL A 467 -12.37 26.79 10.60
C VAL A 467 -13.38 27.85 10.23
N GLY A 468 -13.92 28.56 11.22
CA GLY A 468 -14.91 29.56 10.95
C GLY A 468 -16.31 29.03 10.73
N VAL A 469 -16.56 27.79 11.12
CA VAL A 469 -17.88 27.16 11.00
C VAL A 469 -18.38 26.86 12.40
N VAL A 470 -19.54 27.39 12.75
CA VAL A 470 -20.10 27.29 14.09
C VAL A 470 -21.21 26.24 14.08
N GLU A 471 -21.32 25.51 15.18
CA GLU A 471 -22.38 24.52 15.30
C GLU A 471 -23.74 25.22 15.33
N PRO A 472 -24.74 24.68 14.62
CA PRO A 472 -26.07 25.33 14.64
C PRO A 472 -26.71 25.38 16.01
N VAL A 473 -26.48 24.38 16.85
CA VAL A 473 -27.10 24.32 18.17
C VAL A 473 -25.99 24.13 19.20
N PRO A 474 -25.95 24.92 20.27
CA PRO A 474 -24.87 24.79 21.26
C PRO A 474 -24.87 23.40 21.90
N HIS A 475 -23.68 22.89 22.17
CA HIS A 475 -23.48 21.55 22.69
C HIS A 475 -22.83 21.63 24.05
N ASP A 476 -23.30 20.79 24.98
CA ASP A 476 -22.73 20.72 26.32
C ASP A 476 -21.49 19.85 26.29
N GLU A 477 -20.90 19.60 27.47
CA GLU A 477 -19.70 18.79 27.56
C GLU A 477 -19.99 17.29 27.61
N THR A 478 -21.27 16.91 27.75
CA THR A 478 -21.61 15.49 27.79
C THR A 478 -21.40 14.83 26.43
N TYR A 479 -21.57 15.57 25.34
CA TYR A 479 -21.36 15.02 24.01
C TYR A 479 -19.86 14.93 23.71
N CYS A 480 -19.54 14.33 22.56
CA CYS A 480 -18.16 14.25 22.08
C CYS A 480 -18.22 14.45 20.57
N ASP A 481 -18.06 15.71 20.14
CA ASP A 481 -18.13 16.03 18.72
C ASP A 481 -17.03 15.35 17.91
N PRO A 482 -15.75 15.37 18.30
CA PRO A 482 -14.74 14.70 17.48
C PRO A 482 -14.93 13.19 17.38
N ALA A 483 -15.64 12.58 18.32
CA ALA A 483 -15.82 11.14 18.31
C ALA A 483 -16.67 10.64 17.14
N SER A 484 -17.35 11.54 16.43
CA SER A 484 -18.21 11.11 15.32
C SER A 484 -17.41 10.47 14.19
N LEU A 485 -16.15 10.87 14.02
CA LEU A 485 -15.36 10.37 12.91
C LEU A 485 -15.01 8.90 13.10
N PHE A 486 -15.09 8.14 12.00
CA PHE A 486 -14.69 6.74 12.03
C PHE A 486 -13.22 6.59 12.38
N HIS A 487 -12.37 7.44 11.80
CA HIS A 487 -10.94 7.35 12.08
C HIS A 487 -10.62 7.77 13.52
N VAL A 488 -11.38 8.73 14.07
CA VAL A 488 -11.23 9.07 15.47
C VAL A 488 -11.63 7.87 16.35
N SER A 489 -12.73 7.20 15.99
CA SER A 489 -13.15 6.03 16.74
C SER A 489 -12.11 4.92 16.67
N ASN A 490 -11.47 4.74 15.52
CA ASN A 490 -10.41 3.76 15.35
C ASN A 490 -9.03 4.30 15.68
N ASP A 491 -8.96 5.54 16.17
CA ASP A 491 -7.72 6.25 16.52
C ASP A 491 -6.63 6.05 15.48
N TYR A 492 -6.99 6.06 14.20
CA TYR A 492 -5.99 5.98 13.14
C TYR A 492 -5.27 7.31 12.99
N SER A 493 -4.05 7.24 12.46
CA SER A 493 -3.28 8.45 12.20
C SER A 493 -4.00 9.31 11.17
N PHE A 494 -4.05 10.63 11.44
CA PHE A 494 -4.84 11.54 10.63
C PHE A 494 -4.02 12.54 9.84
N ILE A 495 -2.75 12.76 10.18
CA ILE A 495 -1.91 13.70 9.45
C ILE A 495 -1.53 13.17 8.06
N ARG A 496 -1.86 11.92 7.76
CA ARG A 496 -1.50 11.33 6.48
C ARG A 496 -2.14 12.08 5.33
N TYR A 497 -3.41 12.47 5.48
CA TYR A 497 -4.10 13.16 4.40
C TYR A 497 -3.45 14.50 4.10
N TYR A 498 -3.12 15.26 5.14
CA TYR A 498 -2.43 16.53 4.94
C TYR A 498 -1.08 16.33 4.26
N THR A 499 -0.31 15.33 4.72
CA THR A 499 1.00 15.11 4.14
C THR A 499 0.91 14.72 2.68
N ARG A 500 0.00 13.80 2.34
CA ARG A 500 -0.11 13.37 0.95
C ARG A 500 -0.63 14.51 0.07
N THR A 501 -1.55 15.33 0.58
CA THR A 501 -2.03 16.45 -0.20
C THR A 501 -0.91 17.45 -0.48
N LEU A 502 -0.03 17.66 0.51
CA LEU A 502 1.10 18.55 0.28
C LEU A 502 2.10 17.95 -0.71
N TYR A 503 2.32 16.64 -0.64
CA TYR A 503 3.35 16.00 -1.45
C TYR A 503 2.93 15.82 -2.91
N GLN A 504 1.63 15.62 -3.16
CA GLN A 504 1.19 15.28 -4.51
C GLN A 504 1.47 16.41 -5.50
N PHE A 505 1.32 17.66 -5.06
CA PHE A 505 1.58 18.77 -5.97
C PHE A 505 3.07 18.96 -6.22
N GLN A 506 3.92 18.69 -5.22
CA GLN A 506 5.36 18.63 -5.46
C GLN A 506 5.68 17.60 -6.55
N PHE A 507 5.13 16.40 -6.40
CA PHE A 507 5.38 15.34 -7.37
C PHE A 507 4.91 15.76 -8.77
N GLN A 508 3.70 16.30 -8.86
CA GLN A 508 3.13 16.68 -10.16
C GLN A 508 3.95 17.78 -10.81
N GLU A 509 4.35 18.79 -10.04
CA GLU A 509 5.13 19.88 -10.59
C GLU A 509 6.47 19.39 -11.10
N ALA A 510 7.15 18.55 -10.32
CA ALA A 510 8.45 18.03 -10.75
C ALA A 510 8.31 17.17 -12.00
N LEU A 511 7.30 16.30 -12.04
CA LEU A 511 7.13 15.43 -13.19
C LEU A 511 6.79 16.21 -14.44
N CYS A 512 5.93 17.23 -14.32
CA CYS A 512 5.59 18.05 -15.48
C CYS A 512 6.78 18.87 -15.96
N GLN A 513 7.61 19.35 -15.02
CA GLN A 513 8.83 20.04 -15.43
C GLN A 513 9.77 19.09 -16.16
N ALA A 514 9.86 17.83 -15.70
CA ALA A 514 10.68 16.85 -16.40
C ALA A 514 10.13 16.58 -17.81
N ALA A 515 8.81 16.47 -17.94
CA ALA A 515 8.21 16.23 -19.24
C ALA A 515 8.33 17.43 -20.17
N LYS A 516 8.67 18.61 -19.62
CA LYS A 516 8.86 19.84 -20.40
C LYS A 516 7.59 20.20 -21.18
N HIS A 517 6.52 20.44 -20.44
CA HIS A 517 5.25 20.85 -21.02
C HIS A 517 5.13 22.36 -20.96
N GLU A 518 4.53 22.94 -22.00
CA GLU A 518 4.33 24.37 -22.09
C GLU A 518 2.84 24.68 -21.95
N GLY A 519 2.52 25.65 -21.09
CA GLY A 519 1.16 26.05 -20.85
C GLY A 519 0.79 26.00 -19.39
N PRO A 520 -0.50 26.16 -19.09
CA PRO A 520 -0.95 26.06 -17.71
C PRO A 520 -0.67 24.67 -17.13
N LEU A 521 -0.44 24.63 -15.82
CA LEU A 521 0.03 23.40 -15.18
C LEU A 521 -1.02 22.29 -15.29
N HIS A 522 -2.30 22.63 -15.19
CA HIS A 522 -3.33 21.60 -15.21
C HIS A 522 -3.40 20.88 -16.54
N LYS A 523 -3.11 21.60 -17.64
CA LYS A 523 -3.12 20.98 -18.96
C LYS A 523 -1.79 20.32 -19.27
N CYS A 524 -1.36 19.41 -18.40
CA CYS A 524 -0.07 18.74 -18.52
C CYS A 524 -0.31 17.24 -18.63
N ASP A 525 0.34 16.59 -19.60
CA ASP A 525 0.15 15.17 -19.84
C ASP A 525 1.52 14.50 -19.96
N ILE A 526 1.55 13.21 -19.62
CA ILE A 526 2.78 12.42 -19.64
C ILE A 526 2.57 11.15 -20.46
N SER A 527 1.68 11.23 -21.46
CA SER A 527 1.32 10.03 -22.23
C SER A 527 2.52 9.46 -22.97
N ASN A 528 3.32 10.31 -23.61
CA ASN A 528 4.44 9.84 -24.41
C ASN A 528 5.80 10.09 -23.75
N SER A 529 5.86 10.93 -22.72
CA SER A 529 7.13 11.20 -22.06
C SER A 529 7.60 9.98 -21.28
N THR A 530 8.93 9.81 -21.23
CA THR A 530 9.53 8.71 -20.49
C THR A 530 10.51 9.15 -19.41
N GLU A 531 11.00 10.40 -19.46
CA GLU A 531 11.91 10.87 -18.42
C GLU A 531 11.20 10.98 -17.07
N ALA A 532 9.93 11.37 -17.09
CA ALA A 532 9.16 11.41 -15.84
C ALA A 532 9.02 10.02 -15.24
N GLY A 533 8.75 9.03 -16.08
CA GLY A 533 8.66 7.66 -15.59
C GLY A 533 9.96 7.16 -15.00
N GLN A 534 11.08 7.47 -15.66
CA GLN A 534 12.39 7.08 -15.12
C GLN A 534 12.67 7.78 -13.79
N LYS A 535 12.35 9.07 -13.70
CA LYS A 535 12.58 9.81 -12.47
C LYS A 535 11.76 9.25 -11.32
N LEU A 536 10.50 8.89 -11.60
CA LEU A 536 9.67 8.28 -10.56
C LEU A 536 10.17 6.88 -10.19
N PHE A 537 10.59 6.10 -11.19
CA PHE A 537 11.11 4.76 -10.93
C PHE A 537 12.40 4.80 -10.13
N ASN A 538 13.13 5.92 -10.21
CA ASN A 538 14.32 6.08 -9.38
C ASN A 538 14.00 6.00 -7.89
N MET A 539 12.75 6.23 -7.50
CA MET A 539 12.34 6.17 -6.10
C MET A 539 11.36 5.05 -5.80
N LEU A 540 10.52 4.67 -6.77
CA LEU A 540 9.46 3.71 -6.47
C LEU A 540 10.01 2.36 -6.01
N ARG A 541 11.22 2.01 -6.42
CA ARG A 541 11.82 0.73 -6.06
C ARG A 541 12.73 0.82 -4.84
N LEU A 542 12.79 1.97 -4.17
CA LEU A 542 13.72 2.14 -3.06
C LEU A 542 13.22 1.39 -1.82
N GLY A 543 12.06 1.77 -1.31
CA GLY A 543 11.56 1.22 -0.07
C GLY A 543 11.76 2.16 1.10
N LYS A 544 11.81 1.56 2.29
CA LYS A 544 12.00 2.31 3.52
C LYS A 544 13.47 2.45 3.92
N SER A 545 14.39 1.95 3.10
CA SER A 545 15.81 2.03 3.44
C SER A 545 16.29 3.48 3.43
N GLU A 546 16.21 4.12 2.27
CA GLU A 546 16.57 5.54 2.20
C GLU A 546 15.49 6.37 2.89
N PRO A 547 15.86 7.38 3.67
CA PRO A 547 14.85 8.19 4.34
C PRO A 547 14.04 9.03 3.36
N TRP A 548 12.89 9.49 3.86
CA TRP A 548 11.98 10.25 3.00
C TRP A 548 12.62 11.54 2.52
N THR A 549 13.40 12.21 3.37
CA THR A 549 14.09 13.42 2.94
C THR A 549 15.02 13.15 1.78
N LEU A 550 15.83 12.09 1.89
CA LEU A 550 16.77 11.76 0.82
C LEU A 550 16.04 11.40 -0.46
N ALA A 551 14.97 10.59 -0.36
CA ALA A 551 14.22 10.22 -1.56
C ALA A 551 13.58 11.43 -2.22
N LEU A 552 12.96 12.32 -1.42
CA LEU A 552 12.31 13.49 -1.97
C LEU A 552 13.31 14.43 -2.62
N GLU A 553 14.49 14.60 -2.00
CA GLU A 553 15.51 15.43 -2.63
C GLU A 553 15.99 14.81 -3.94
N ASN A 554 16.23 13.50 -3.95
CA ASN A 554 16.67 12.85 -5.17
C ASN A 554 15.62 12.94 -6.28
N VAL A 555 14.35 13.04 -5.92
CA VAL A 555 13.29 13.09 -6.93
C VAL A 555 13.04 14.52 -7.41
N VAL A 556 12.81 15.46 -6.51
CA VAL A 556 12.30 16.78 -6.88
C VAL A 556 13.30 17.90 -6.60
N GLY A 557 14.50 17.58 -6.12
CA GLY A 557 15.43 18.63 -5.76
C GLY A 557 14.98 19.49 -4.60
N ALA A 558 14.39 18.87 -3.57
CA ALA A 558 13.95 19.60 -2.40
C ALA A 558 13.94 18.64 -1.21
N LYS A 559 14.43 19.12 -0.08
CA LYS A 559 14.61 18.27 1.09
C LYS A 559 13.38 18.19 1.99
N ASN A 560 12.34 18.97 1.71
CA ASN A 560 11.13 18.93 2.52
C ASN A 560 9.96 19.46 1.70
N MET A 561 8.84 19.69 2.36
CA MET A 561 7.61 20.11 1.69
C MET A 561 7.61 21.60 1.41
N ASN A 562 6.81 22.00 0.42
CA ASN A 562 6.65 23.40 0.07
C ASN A 562 5.33 23.55 -0.69
N VAL A 563 4.54 24.56 -0.30
CA VAL A 563 3.22 24.76 -0.88
C VAL A 563 3.26 25.48 -2.23
N ARG A 564 4.45 25.91 -2.66
CA ARG A 564 4.56 26.66 -3.90
C ARG A 564 4.05 25.93 -5.13
N PRO A 565 4.31 24.62 -5.34
CA PRO A 565 3.66 23.94 -6.47
C PRO A 565 2.15 23.99 -6.43
N LEU A 566 1.56 23.85 -5.24
CA LEU A 566 0.11 23.96 -5.13
C LEU A 566 -0.38 25.35 -5.48
N LEU A 567 0.34 26.38 -5.01
CA LEU A 567 -0.03 27.76 -5.34
C LEU A 567 0.07 27.99 -6.84
N ASN A 568 1.11 27.46 -7.48
CA ASN A 568 1.25 27.59 -8.93
C ASN A 568 0.12 26.88 -9.65
N TYR A 569 -0.29 25.71 -9.15
CA TYR A 569 -1.39 24.97 -9.75
C TYR A 569 -2.69 25.77 -9.63
N PHE A 570 -2.92 26.42 -8.50
CA PHE A 570 -4.18 27.12 -8.26
C PHE A 570 -4.14 28.59 -8.67
N GLU A 571 -3.04 29.07 -9.23
CA GLU A 571 -2.96 30.46 -9.70
C GLU A 571 -4.09 30.88 -10.63
N PRO A 572 -4.53 30.10 -11.63
CA PRO A 572 -5.62 30.60 -12.50
C PRO A 572 -6.92 30.84 -11.75
N LEU A 573 -7.36 29.87 -10.93
CA LEU A 573 -8.56 30.08 -10.13
C LEU A 573 -8.36 31.20 -9.13
N PHE A 574 -7.13 31.36 -8.62
CA PHE A 574 -6.84 32.48 -7.74
C PHE A 574 -7.08 33.81 -8.45
N THR A 575 -6.60 33.93 -9.69
CA THR A 575 -6.83 35.15 -10.46
C THR A 575 -8.32 35.37 -10.72
N TRP A 576 -9.03 34.31 -11.10
CA TRP A 576 -10.45 34.47 -11.37
C TRP A 576 -11.21 34.91 -10.13
N LEU A 577 -10.91 34.30 -8.98
CA LEU A 577 -11.60 34.67 -7.74
C LEU A 577 -11.21 36.07 -7.28
N LYS A 578 -9.96 36.49 -7.52
CA LYS A 578 -9.58 37.87 -7.23
C LYS A 578 -10.38 38.84 -8.09
N ASP A 579 -10.54 38.52 -9.38
CA ASP A 579 -11.34 39.38 -10.25
C ASP A 579 -12.80 39.42 -9.79
N GLN A 580 -13.34 38.26 -9.39
CA GLN A 580 -14.72 38.20 -8.93
C GLN A 580 -14.90 38.92 -7.60
N ASN A 581 -13.85 38.99 -6.78
CA ASN A 581 -13.94 39.58 -5.45
C ASN A 581 -14.00 41.09 -5.56
N LYS A 582 -15.21 41.61 -5.71
CA LYS A 582 -15.44 43.04 -5.73
C LYS A 582 -16.60 43.49 -4.85
N ASN A 583 -17.54 42.61 -4.50
CA ASN A 583 -18.68 42.96 -3.67
C ASN A 583 -18.84 41.98 -2.51
N SER A 584 -17.72 41.47 -1.98
CA SER A 584 -17.73 40.48 -0.92
C SER A 584 -17.11 41.07 0.34
N PHE A 585 -16.99 40.22 1.37
CA PHE A 585 -16.43 40.61 2.66
C PHE A 585 -15.16 39.80 2.91
N VAL A 586 -14.14 40.46 3.44
CA VAL A 586 -12.84 39.86 3.70
C VAL A 586 -12.75 39.50 5.18
N GLY A 587 -12.44 38.23 5.46
CA GLY A 587 -12.33 37.77 6.82
C GLY A 587 -13.68 37.44 7.43
N TRP A 588 -13.63 36.91 8.65
CA TRP A 588 -14.85 36.56 9.37
C TRP A 588 -14.62 36.77 10.86
N SER A 589 -15.71 36.99 11.58
CA SER A 589 -15.68 37.17 13.02
C SER A 589 -16.59 36.16 13.70
N THR A 590 -16.18 35.73 14.89
CA THR A 590 -16.90 34.72 15.66
C THR A 590 -17.91 35.33 16.63
N ASP A 591 -18.12 36.64 16.59
CA ASP A 591 -19.07 37.27 17.50
C ASP A 591 -20.49 36.76 17.26
N TRP A 592 -20.87 36.63 16.00
CA TRP A 592 -22.22 36.18 15.68
C TRP A 592 -22.38 34.70 16.01
N SER A 593 -23.57 34.33 16.47
CA SER A 593 -23.94 32.94 16.71
C SER A 593 -25.28 32.66 16.06
N PRO A 594 -25.48 31.43 15.58
CA PRO A 594 -26.78 31.09 14.97
C PRO A 594 -27.94 31.22 15.94
N TYR A 595 -27.71 30.99 17.22
CA TYR A 595 -28.75 31.12 18.25
C TYR A 595 -28.80 32.54 18.81
N ALA A 596 -28.95 33.52 17.92
CA ALA A 596 -29.00 34.93 18.27
C ALA A 596 -27.79 35.35 19.11
N VAL B 318 23.48 -48.42 -35.29
CA VAL B 318 23.18 -49.68 -35.94
C VAL B 318 21.70 -49.96 -35.82
N THR B 319 21.32 -50.72 -34.79
CA THR B 319 19.94 -51.07 -34.53
C THR B 319 19.61 -50.98 -33.05
N ASN B 320 20.25 -50.06 -32.32
CA ASN B 320 20.04 -49.96 -30.88
C ASN B 320 20.51 -48.59 -30.41
N LEU B 321 20.02 -48.19 -29.24
CA LEU B 321 20.39 -46.91 -28.63
C LEU B 321 19.90 -46.91 -27.18
N CYS B 322 20.08 -45.76 -26.51
CA CYS B 322 19.67 -45.58 -25.12
C CYS B 322 19.04 -44.21 -24.90
N PRO B 323 17.82 -44.15 -24.39
CA PRO B 323 17.13 -42.88 -24.24
C PRO B 323 17.29 -42.28 -22.84
N PHE B 324 16.85 -41.02 -22.73
CA PHE B 324 16.67 -40.32 -21.45
C PHE B 324 15.26 -40.47 -20.91
N HIS B 325 14.61 -41.60 -21.19
CA HIS B 325 13.19 -41.76 -20.87
C HIS B 325 12.93 -41.57 -19.38
N GLU B 326 13.89 -41.92 -18.53
CA GLU B 326 13.74 -41.77 -17.08
C GLU B 326 14.29 -40.45 -16.56
N VAL B 327 14.93 -39.64 -17.41
CA VAL B 327 15.39 -38.33 -16.97
C VAL B 327 14.20 -37.44 -16.63
N PHE B 328 13.21 -37.41 -17.52
CA PHE B 328 11.93 -36.78 -17.26
C PHE B 328 10.89 -37.86 -17.03
N ASN B 329 9.65 -37.44 -16.78
CA ASN B 329 8.53 -38.35 -16.54
C ASN B 329 8.79 -39.27 -15.35
N ALA B 330 9.65 -38.86 -14.43
CA ALA B 330 10.09 -39.70 -13.32
C ALA B 330 9.34 -39.42 -12.02
N THR B 331 8.28 -38.61 -12.08
CA THR B 331 7.44 -38.31 -10.93
C THR B 331 8.24 -37.72 -9.77
N ARG B 332 8.57 -38.55 -8.78
CA ARG B 332 9.20 -38.05 -7.57
C ARG B 332 10.60 -37.51 -7.85
N PHE B 333 10.89 -36.33 -7.30
CA PHE B 333 12.21 -35.73 -7.36
C PHE B 333 12.77 -35.56 -5.96
N ALA B 334 14.01 -35.10 -5.91
CA ALA B 334 14.70 -34.84 -4.65
C ALA B 334 14.98 -33.34 -4.53
N SER B 335 14.86 -32.83 -3.31
CA SER B 335 15.09 -31.41 -3.07
C SER B 335 16.57 -31.07 -3.26
N VAL B 336 16.88 -29.79 -3.09
CA VAL B 336 18.27 -29.33 -3.15
C VAL B 336 19.03 -29.67 -1.89
N TYR B 337 18.39 -30.35 -0.94
CA TYR B 337 19.06 -30.77 0.28
C TYR B 337 20.25 -31.69 -0.03
N ALA B 338 20.04 -32.65 -0.93
CA ALA B 338 21.11 -33.53 -1.40
C ALA B 338 20.78 -33.89 -2.85
N TRP B 339 21.35 -33.15 -3.78
CA TRP B 339 21.06 -33.34 -5.19
C TRP B 339 21.57 -34.71 -5.65
N ASN B 340 20.66 -35.54 -6.14
CA ASN B 340 21.03 -36.88 -6.57
C ASN B 340 21.86 -36.83 -7.85
N ARG B 341 22.54 -37.94 -8.13
CA ARG B 341 23.41 -38.05 -9.28
C ARG B 341 23.04 -39.27 -10.10
N THR B 342 22.90 -39.09 -11.41
CA THR B 342 22.62 -40.19 -12.32
C THR B 342 23.66 -40.18 -13.44
N ARG B 343 23.96 -41.36 -13.98
CA ARG B 343 25.02 -41.49 -14.96
C ARG B 343 24.73 -42.68 -15.87
N ILE B 344 25.17 -42.55 -17.13
CA ILE B 344 25.09 -43.62 -18.12
C ILE B 344 26.41 -43.66 -18.87
N SER B 345 26.69 -44.80 -19.50
CA SER B 345 27.95 -44.96 -20.19
C SER B 345 27.89 -46.13 -21.17
N ASN B 346 28.81 -46.09 -22.14
CA ASN B 346 29.12 -47.22 -23.01
C ASN B 346 27.93 -47.67 -23.86
N CYS B 347 27.08 -46.73 -24.25
CA CYS B 347 25.99 -47.06 -25.17
C CYS B 347 25.51 -45.78 -25.83
N VAL B 348 24.75 -45.95 -26.91
CA VAL B 348 24.41 -44.84 -27.80
C VAL B 348 23.71 -43.72 -27.04
N ALA B 349 24.06 -42.49 -27.37
CA ALA B 349 23.54 -41.31 -26.70
C ALA B 349 22.15 -40.95 -27.24
N ASP B 350 21.66 -39.78 -26.88
CA ASP B 350 20.30 -39.37 -27.23
C ASP B 350 20.18 -37.85 -27.20
N TYR B 351 19.97 -37.25 -28.38
CA TYR B 351 19.79 -35.81 -28.48
C TYR B 351 18.71 -35.38 -29.44
N SER B 352 18.05 -36.32 -30.13
CA SER B 352 17.05 -35.94 -31.13
C SER B 352 15.80 -35.37 -30.48
N VAL B 353 15.30 -36.02 -29.44
CA VAL B 353 14.04 -35.64 -28.81
C VAL B 353 14.28 -34.72 -27.61
N LEU B 354 15.46 -34.10 -27.54
CA LEU B 354 15.82 -33.28 -26.38
C LEU B 354 14.88 -32.09 -26.23
N TYR B 355 14.55 -31.42 -27.34
CA TYR B 355 13.85 -30.15 -27.30
C TYR B 355 12.49 -30.20 -28.02
N ASN B 356 11.93 -31.38 -28.23
CA ASN B 356 10.67 -31.51 -28.94
C ASN B 356 9.45 -31.50 -28.02
N PHE B 357 9.65 -31.27 -26.72
CA PHE B 357 8.54 -31.21 -25.78
C PHE B 357 8.99 -30.44 -24.55
N ALA B 358 8.02 -30.18 -23.66
CA ALA B 358 8.25 -29.46 -22.41
C ALA B 358 8.94 -28.12 -22.67
N PRO B 359 8.22 -27.11 -23.17
CA PRO B 359 8.84 -25.81 -23.49
C PRO B 359 9.72 -25.28 -22.38
N PHE B 360 11.02 -25.14 -22.66
CA PHE B 360 12.00 -24.78 -21.65
C PHE B 360 12.07 -23.28 -21.46
N PHE B 361 12.21 -22.86 -20.20
CA PHE B 361 12.35 -21.43 -19.92
C PHE B 361 13.73 -20.92 -20.31
N ALA B 362 14.77 -21.74 -20.17
CA ALA B 362 16.13 -21.35 -20.51
C ALA B 362 16.82 -22.49 -21.23
N PHE B 363 17.79 -22.14 -22.09
CA PHE B 363 18.54 -23.12 -22.84
C PHE B 363 20.01 -22.77 -22.93
N LYS B 364 20.52 -21.94 -22.01
CA LYS B 364 21.89 -21.44 -22.07
C LYS B 364 22.90 -22.56 -21.95
N CYS B 365 23.64 -22.83 -23.03
CA CYS B 365 24.71 -23.82 -23.04
C CYS B 365 26.02 -23.05 -23.24
N TYR B 366 26.60 -22.60 -22.12
CA TYR B 366 27.81 -21.79 -22.17
C TYR B 366 29.06 -22.59 -22.48
N GLY B 367 29.04 -23.90 -22.26
CA GLY B 367 30.21 -24.72 -22.53
C GLY B 367 30.50 -24.87 -24.01
N VAL B 368 29.63 -25.59 -24.71
CA VAL B 368 29.74 -25.79 -26.15
C VAL B 368 28.34 -25.71 -26.75
N SER B 369 28.21 -25.05 -27.89
CA SER B 369 26.92 -24.92 -28.54
C SER B 369 26.36 -26.31 -28.85
N PRO B 370 25.14 -26.62 -28.45
CA PRO B 370 24.58 -27.97 -28.62
C PRO B 370 23.92 -28.23 -29.96
N THR B 371 24.08 -27.34 -30.95
CA THR B 371 23.44 -27.56 -32.25
C THR B 371 23.94 -28.84 -32.90
N LYS B 372 25.23 -29.14 -32.74
CA LYS B 372 25.79 -30.40 -33.23
C LYS B 372 26.32 -31.22 -32.07
N LEU B 373 25.53 -31.30 -30.99
CA LEU B 373 25.99 -32.01 -29.80
C LEU B 373 26.22 -33.49 -30.09
N ASN B 374 25.37 -34.08 -30.94
CA ASN B 374 25.53 -35.50 -31.27
C ASN B 374 26.77 -35.76 -32.10
N ASP B 375 27.36 -34.72 -32.71
CA ASP B 375 28.53 -34.93 -33.57
C ASP B 375 29.73 -35.44 -32.77
N LEU B 376 29.93 -34.90 -31.57
CA LEU B 376 31.02 -35.31 -30.71
C LEU B 376 30.47 -35.89 -29.42
N CYS B 377 31.32 -36.65 -28.72
CA CYS B 377 30.86 -37.48 -27.61
C CYS B 377 31.84 -37.37 -26.44
N PHE B 378 31.34 -37.69 -25.25
CA PHE B 378 32.15 -37.65 -24.03
C PHE B 378 31.70 -38.75 -23.09
N THR B 379 32.64 -39.51 -22.56
CA THR B 379 32.32 -40.70 -21.79
C THR B 379 31.71 -40.34 -20.44
N ASN B 380 30.77 -41.18 -19.98
CA ASN B 380 30.21 -41.10 -18.63
C ASN B 380 29.59 -39.73 -18.34
N VAL B 381 28.55 -39.40 -19.10
CA VAL B 381 27.86 -38.13 -18.90
C VAL B 381 27.09 -38.16 -17.59
N TYR B 382 26.96 -36.99 -16.97
CA TYR B 382 26.25 -36.83 -15.71
C TYR B 382 24.93 -36.14 -15.94
N ALA B 383 23.86 -36.67 -15.35
CA ALA B 383 22.53 -36.08 -15.44
C ALA B 383 22.00 -35.85 -14.03
N ASP B 384 21.51 -34.65 -13.77
CA ASP B 384 20.98 -34.28 -12.46
C ASP B 384 19.64 -33.59 -12.64
N SER B 385 18.79 -33.69 -11.61
CA SER B 385 17.47 -33.07 -11.64
C SER B 385 17.02 -32.75 -10.23
N PHE B 386 16.35 -31.62 -10.07
CA PHE B 386 15.82 -31.19 -8.77
C PHE B 386 14.83 -30.06 -9.01
N VAL B 387 14.23 -29.57 -7.92
CA VAL B 387 13.27 -28.48 -7.95
C VAL B 387 13.67 -27.48 -6.87
N ILE B 388 13.92 -26.24 -7.26
CA ILE B 388 14.36 -25.22 -6.31
C ILE B 388 13.43 -24.01 -6.30
N LYS B 389 13.33 -23.32 -7.43
CA LYS B 389 12.54 -22.10 -7.56
C LYS B 389 12.38 -21.81 -9.05
N GLY B 390 11.81 -20.66 -9.37
CA GLY B 390 11.63 -20.26 -10.75
C GLY B 390 12.30 -18.94 -11.08
N ASN B 391 12.79 -18.24 -10.06
CA ASN B 391 13.41 -16.93 -10.24
C ASN B 391 14.92 -16.93 -10.04
N GLU B 392 15.44 -17.78 -9.15
CA GLU B 392 16.86 -17.82 -8.86
C GLU B 392 17.62 -18.79 -9.77
N VAL B 393 17.09 -19.06 -10.97
CA VAL B 393 17.81 -19.90 -11.92
C VAL B 393 19.12 -19.25 -12.32
N SER B 394 19.17 -17.91 -12.34
CA SER B 394 20.41 -17.20 -12.68
C SER B 394 21.51 -17.45 -11.66
N GLN B 395 21.18 -17.95 -10.47
CA GLN B 395 22.21 -18.29 -9.50
C GLN B 395 23.09 -19.42 -10.02
N ILE B 396 22.49 -20.40 -10.69
CA ILE B 396 23.24 -21.50 -11.28
C ILE B 396 23.95 -20.96 -12.52
N ALA B 397 25.21 -20.60 -12.38
CA ALA B 397 25.98 -19.97 -13.45
C ALA B 397 27.46 -20.00 -13.05
N PRO B 398 28.37 -19.88 -14.02
CA PRO B 398 29.79 -19.83 -13.68
C PRO B 398 30.14 -18.61 -12.86
N GLY B 399 30.55 -18.82 -11.60
CA GLY B 399 31.01 -17.75 -10.76
C GLY B 399 29.93 -16.79 -10.28
N GLN B 400 29.02 -17.28 -9.45
CA GLN B 400 28.01 -16.44 -8.82
C GLN B 400 27.61 -17.05 -7.49
N THR B 401 27.40 -16.20 -6.49
CA THR B 401 27.08 -16.63 -5.14
C THR B 401 25.69 -16.13 -4.74
N GLY B 402 25.32 -16.45 -3.50
CA GLY B 402 24.04 -16.07 -2.96
C GLY B 402 23.17 -17.27 -2.64
N ASN B 403 23.01 -17.56 -1.35
CA ASN B 403 22.25 -18.72 -0.88
C ASN B 403 22.62 -19.99 -1.62
N ILE B 404 21.72 -20.45 -2.48
CA ILE B 404 21.80 -21.75 -3.13
C ILE B 404 23.13 -21.93 -3.84
N ALA B 405 23.51 -20.96 -4.68
CA ALA B 405 24.63 -21.14 -5.59
C ALA B 405 25.94 -21.39 -4.87
N ASP B 406 26.10 -20.85 -3.66
CA ASP B 406 27.34 -21.00 -2.91
C ASP B 406 27.17 -21.77 -1.61
N TYR B 407 26.00 -22.35 -1.35
CA TYR B 407 25.86 -23.16 -0.15
C TYR B 407 25.20 -24.51 -0.35
N ASN B 408 24.59 -24.80 -1.50
CA ASN B 408 23.97 -26.11 -1.70
C ASN B 408 24.54 -26.86 -2.88
N TYR B 409 24.71 -26.22 -4.04
CA TYR B 409 25.22 -26.88 -5.23
C TYR B 409 26.15 -25.90 -5.94
N LYS B 410 27.43 -25.99 -5.63
CA LYS B 410 28.42 -25.11 -6.24
C LYS B 410 28.68 -25.53 -7.69
N LEU B 411 29.07 -24.56 -8.51
CA LEU B 411 29.35 -24.80 -9.90
C LEU B 411 30.82 -24.50 -10.19
N PRO B 412 31.52 -25.37 -10.91
CA PRO B 412 32.93 -25.10 -11.24
C PRO B 412 33.07 -23.89 -12.13
N ASP B 413 34.20 -23.20 -12.00
CA ASP B 413 34.41 -21.94 -12.71
C ASP B 413 34.43 -22.15 -14.22
N ASP B 414 35.21 -23.14 -14.68
CA ASP B 414 35.39 -23.38 -16.11
C ASP B 414 34.63 -24.61 -16.60
N PHE B 415 33.63 -25.05 -15.86
CA PHE B 415 32.87 -26.23 -16.26
C PHE B 415 32.14 -25.96 -17.57
N THR B 416 32.05 -26.99 -18.41
CA THR B 416 31.36 -26.92 -19.68
C THR B 416 30.17 -27.87 -19.67
N GLY B 417 28.99 -27.35 -19.95
CA GLY B 417 27.79 -28.17 -19.96
C GLY B 417 26.58 -27.33 -20.32
N CYS B 418 25.42 -27.99 -20.29
CA CYS B 418 24.16 -27.36 -20.63
C CYS B 418 23.28 -27.29 -19.38
N VAL B 419 22.70 -26.12 -19.15
CA VAL B 419 21.79 -25.89 -18.03
C VAL B 419 20.40 -25.64 -18.59
N ILE B 420 19.46 -26.52 -18.25
CA ILE B 420 18.09 -26.45 -18.76
C ILE B 420 17.14 -26.33 -17.58
N ALA B 421 16.26 -25.34 -17.61
CA ALA B 421 15.27 -25.12 -16.57
C ALA B 421 13.92 -24.83 -17.20
N TRP B 422 12.88 -25.50 -16.73
CA TRP B 422 11.53 -25.31 -17.26
C TRP B 422 10.51 -25.42 -16.14
N ASN B 423 9.32 -24.89 -16.40
CA ASN B 423 8.28 -24.73 -15.39
C ASN B 423 7.28 -25.87 -15.46
N SER B 424 6.97 -26.44 -14.30
CA SER B 424 5.95 -27.48 -14.18
C SER B 424 5.06 -27.18 -12.97
N ASN B 425 4.58 -25.95 -12.88
CA ASN B 425 3.85 -25.51 -11.69
C ASN B 425 2.61 -26.37 -11.43
N LYS B 426 1.90 -26.76 -12.48
CA LYS B 426 0.70 -27.55 -12.31
C LYS B 426 1.01 -28.90 -11.67
N LEU B 427 2.08 -29.56 -12.11
CA LEU B 427 2.38 -30.90 -11.61
C LEU B 427 2.86 -30.87 -10.16
N ASP B 428 3.77 -29.97 -9.84
CA ASP B 428 4.49 -30.00 -8.56
C ASP B 428 3.98 -28.96 -7.58
N SER B 429 2.68 -28.70 -7.55
CA SER B 429 2.08 -27.81 -6.57
C SER B 429 0.86 -28.49 -5.94
N LYS B 430 0.64 -28.19 -4.67
CA LYS B 430 -0.47 -28.74 -3.91
C LYS B 430 -1.40 -27.62 -3.49
N HIS B 431 -2.69 -27.79 -3.74
CA HIS B 431 -3.66 -26.77 -3.40
C HIS B 431 -3.80 -26.57 -1.89
N SER B 432 -3.46 -27.58 -1.10
CA SER B 432 -3.49 -27.48 0.35
C SER B 432 -2.16 -27.05 0.94
N GLY B 433 -1.14 -26.85 0.11
CA GLY B 433 0.16 -26.42 0.60
C GLY B 433 1.24 -27.48 0.48
N ASN B 434 2.09 -27.35 -0.53
CA ASN B 434 3.22 -28.26 -0.72
C ASN B 434 4.33 -27.81 0.21
N TYR B 435 4.46 -28.49 1.34
CA TYR B 435 5.41 -28.15 2.39
C TYR B 435 6.37 -29.30 2.68
N ASP B 436 6.85 -29.97 1.64
CA ASP B 436 7.69 -31.15 1.79
C ASP B 436 8.89 -31.08 0.84
N TYR B 437 9.55 -29.92 0.79
CA TYR B 437 10.76 -29.72 -0.02
C TYR B 437 11.68 -28.79 0.76
N TRP B 438 12.61 -29.38 1.51
CA TRP B 438 13.50 -28.64 2.37
C TRP B 438 14.66 -28.03 1.58
N TYR B 439 15.38 -27.10 2.21
CA TYR B 439 16.56 -26.51 1.60
C TYR B 439 17.42 -25.89 2.70
N ARG B 440 18.72 -25.79 2.46
CA ARG B 440 19.67 -25.31 3.46
C ARG B 440 20.13 -23.90 3.11
N SER B 441 20.12 -23.00 4.10
CA SER B 441 20.65 -21.66 3.95
C SER B 441 21.70 -21.29 4.99
N PHE B 442 22.11 -22.23 5.84
CA PHE B 442 23.11 -21.96 6.87
C PHE B 442 24.11 -23.11 6.85
N ARG B 443 25.29 -22.86 6.29
CA ARG B 443 26.38 -23.81 6.28
C ARG B 443 27.64 -23.13 6.79
N LYS B 444 28.57 -23.93 7.31
CA LYS B 444 29.74 -23.40 7.99
C LYS B 444 30.63 -22.57 7.05
N SER B 445 30.89 -23.05 5.85
CA SER B 445 31.83 -22.38 4.96
C SER B 445 31.32 -22.50 3.53
N LYS B 446 32.14 -22.02 2.59
CA LYS B 446 31.81 -22.14 1.17
C LYS B 446 31.94 -23.59 0.72
N LEU B 447 31.57 -23.85 -0.52
CA LEU B 447 31.57 -25.18 -1.09
C LEU B 447 32.58 -25.27 -2.22
N LYS B 448 33.03 -26.50 -2.48
CA LYS B 448 33.94 -26.82 -3.57
C LYS B 448 33.15 -27.21 -4.82
N PRO B 449 33.73 -27.03 -6.00
CA PRO B 449 33.00 -27.35 -7.24
C PRO B 449 32.49 -28.79 -7.27
N PHE B 450 31.22 -28.95 -7.63
CA PHE B 450 30.57 -30.26 -7.72
C PHE B 450 30.70 -31.04 -6.42
N GLU B 451 30.19 -30.46 -5.33
CA GLU B 451 30.22 -31.09 -4.02
C GLU B 451 28.82 -31.20 -3.45
N ARG B 452 28.51 -32.34 -2.84
CA ARG B 452 27.23 -32.58 -2.20
C ARG B 452 27.44 -32.88 -0.73
N ASP B 453 26.33 -32.91 0.01
CA ASP B 453 26.39 -33.18 1.44
C ASP B 453 25.01 -33.58 1.93
N ILE B 454 24.97 -34.50 2.88
CA ILE B 454 23.75 -34.96 3.51
C ILE B 454 23.77 -34.73 5.02
N SER B 455 24.73 -33.94 5.51
CA SER B 455 24.90 -33.77 6.94
C SER B 455 23.68 -33.08 7.56
N THR B 456 23.39 -33.45 8.80
CA THR B 456 22.23 -32.92 9.54
C THR B 456 22.69 -32.61 10.96
N GLU B 457 23.12 -31.37 11.18
CA GLU B 457 23.56 -30.92 12.49
C GLU B 457 22.98 -29.53 12.76
N ILE B 458 22.60 -29.29 14.01
CA ILE B 458 21.97 -28.03 14.38
C ILE B 458 22.99 -26.91 14.26
N TYR B 459 22.61 -25.83 13.58
CA TYR B 459 23.51 -24.70 13.33
C TYR B 459 23.67 -23.85 14.59
N GLN B 460 24.89 -23.37 14.80
CA GLN B 460 25.19 -22.52 15.95
C GLN B 460 26.02 -21.33 15.51
N ALA B 461 25.76 -20.17 16.11
CA ALA B 461 26.53 -18.96 15.86
C ALA B 461 26.77 -18.17 17.13
N GLY B 462 26.86 -18.86 18.28
CA GLY B 462 27.03 -18.20 19.55
C GLY B 462 28.10 -18.87 20.39
N ASN B 463 28.48 -18.18 21.46
CA ASN B 463 29.52 -18.70 22.35
C ASN B 463 29.09 -19.99 23.01
N LYS B 464 27.86 -20.04 23.50
CA LYS B 464 27.37 -21.24 24.16
C LYS B 464 27.15 -22.36 23.14
N PRO B 465 27.24 -23.62 23.57
CA PRO B 465 26.98 -24.74 22.64
C PRO B 465 25.51 -24.88 22.33
N CYS B 466 25.14 -25.93 21.58
CA CYS B 466 23.77 -26.06 21.12
C CYS B 466 22.82 -26.38 22.27
N LYS B 467 22.97 -27.55 22.88
CA LYS B 467 22.10 -28.04 23.94
C LYS B 467 20.62 -27.76 23.63
N GLY B 468 20.22 -27.94 22.38
CA GLY B 468 18.88 -27.60 21.95
C GLY B 468 18.84 -26.29 21.18
N LYS B 469 17.62 -25.86 20.89
CA LYS B 469 17.38 -24.64 20.14
C LYS B 469 17.07 -23.48 21.07
N GLY B 470 17.32 -22.26 20.58
CA GLY B 470 17.10 -21.07 21.35
C GLY B 470 17.91 -19.90 20.84
N PRO B 471 18.32 -19.01 21.76
CA PRO B 471 19.11 -17.84 21.36
C PRO B 471 20.42 -18.27 20.70
N ASN B 472 20.61 -17.81 19.46
CA ASN B 472 21.77 -18.17 18.65
C ASN B 472 21.87 -19.67 18.43
N CYS B 473 20.73 -20.36 18.46
CA CYS B 473 20.65 -21.78 18.14
C CYS B 473 19.54 -21.98 17.11
N TYR B 474 19.91 -22.43 15.92
CA TYR B 474 18.97 -22.50 14.82
C TYR B 474 19.13 -23.81 14.05
N PHE B 475 18.01 -24.28 13.49
CA PHE B 475 18.01 -25.41 12.57
C PHE B 475 18.57 -24.98 11.22
N PRO B 476 19.32 -25.85 10.53
CA PRO B 476 19.94 -25.44 9.27
C PRO B 476 19.04 -25.65 8.07
N LEU B 477 17.75 -25.86 8.29
CA LEU B 477 16.85 -26.22 7.20
C LEU B 477 15.55 -25.42 7.28
N GLN B 478 15.03 -25.05 6.12
CA GLN B 478 13.74 -24.40 5.97
C GLN B 478 12.92 -25.18 4.95
N SER B 479 11.80 -24.59 4.52
CA SER B 479 10.85 -25.30 3.66
C SER B 479 10.41 -24.45 2.48
N TYR B 480 10.18 -25.12 1.34
CA TYR B 480 9.55 -24.52 0.16
C TYR B 480 8.05 -24.76 0.18
N GLY B 481 7.35 -23.96 0.98
CA GLY B 481 5.90 -23.95 0.91
C GLY B 481 5.40 -23.47 -0.44
N PHE B 482 4.54 -24.26 -1.08
CA PHE B 482 4.01 -23.93 -2.40
C PHE B 482 2.50 -23.83 -2.35
N ARG B 483 1.94 -22.90 -3.13
CA ARG B 483 0.51 -22.71 -3.28
C ARG B 483 0.25 -22.39 -4.74
N PRO B 484 -0.72 -23.06 -5.38
CA PRO B 484 -0.94 -22.82 -6.82
C PRO B 484 -1.33 -21.40 -7.16
N THR B 485 -1.91 -20.65 -6.22
CA THR B 485 -2.35 -19.29 -6.50
C THR B 485 -1.19 -18.31 -6.60
N TYR B 486 0.04 -18.74 -6.31
CA TYR B 486 1.20 -17.87 -6.38
C TYR B 486 1.38 -17.29 -7.78
N GLY B 487 2.22 -16.27 -7.88
CA GLY B 487 2.55 -15.68 -9.15
C GLY B 487 3.70 -16.40 -9.83
N VAL B 488 4.10 -15.87 -10.98
CA VAL B 488 5.20 -16.44 -11.76
C VAL B 488 6.52 -16.01 -11.14
N GLY B 489 7.47 -16.95 -11.09
CA GLY B 489 8.78 -16.66 -10.55
C GLY B 489 9.07 -17.37 -9.25
N HIS B 490 8.08 -17.42 -8.36
CA HIS B 490 8.23 -18.09 -7.08
C HIS B 490 7.63 -19.50 -7.09
N GLN B 491 7.08 -19.93 -8.21
CA GLN B 491 6.54 -21.28 -8.32
C GLN B 491 7.66 -22.31 -8.46
N PRO B 492 7.42 -23.55 -8.06
CA PRO B 492 8.45 -24.59 -8.24
C PRO B 492 8.66 -24.95 -9.71
N TYR B 493 9.80 -24.57 -10.25
CA TYR B 493 10.16 -24.92 -11.62
C TYR B 493 10.86 -26.28 -11.60
N ARG B 494 11.38 -26.71 -12.75
CA ARG B 494 12.13 -27.95 -12.85
C ARG B 494 13.49 -27.65 -13.46
N VAL B 495 14.54 -28.15 -12.81
CA VAL B 495 15.92 -27.88 -13.21
C VAL B 495 16.60 -29.21 -13.52
N VAL B 496 17.22 -29.28 -14.69
CA VAL B 496 18.01 -30.44 -15.10
C VAL B 496 19.38 -29.95 -15.56
N VAL B 497 20.43 -30.64 -15.13
CA VAL B 497 21.81 -30.24 -15.38
C VAL B 497 22.52 -31.38 -16.11
N LEU B 498 23.17 -31.05 -17.23
CA LEU B 498 23.91 -32.01 -18.03
C LEU B 498 25.40 -31.75 -17.89
N SER B 499 26.18 -32.84 -17.77
CA SER B 499 27.62 -32.74 -17.59
C SER B 499 28.28 -33.98 -18.15
N PHE B 500 29.60 -33.91 -18.32
CA PHE B 500 30.37 -35.01 -18.86
C PHE B 500 31.84 -34.83 -18.50
N GLU B 501 32.57 -35.95 -18.50
CA GLU B 501 34.01 -35.96 -18.26
C GLU B 501 34.67 -36.88 -19.29
N LEU B 502 36.00 -36.99 -19.22
CA LEU B 502 36.72 -37.85 -20.15
C LEU B 502 38.15 -38.12 -19.71
N LEU B 503 38.55 -39.39 -19.76
CA LEU B 503 39.96 -39.78 -19.65
C LEU B 503 40.29 -40.70 -20.82
N HIS B 504 41.44 -41.36 -20.79
CA HIS B 504 41.78 -42.26 -21.89
C HIS B 504 40.78 -43.41 -21.94
N ALA B 505 39.86 -43.35 -22.90
CA ALA B 505 38.74 -44.27 -23.03
C ALA B 505 37.96 -43.92 -24.28
N PRO B 506 37.04 -44.77 -24.74
CA PRO B 506 36.10 -44.33 -25.77
C PRO B 506 35.13 -43.31 -25.21
N ALA B 507 34.51 -42.56 -26.12
CA ALA B 507 33.55 -41.54 -25.70
C ALA B 507 32.19 -42.12 -25.34
N THR B 508 31.86 -43.31 -25.85
CA THR B 508 30.86 -44.22 -25.30
C THR B 508 29.40 -43.79 -25.47
N VAL B 509 29.13 -42.56 -25.93
CA VAL B 509 27.76 -42.09 -26.09
C VAL B 509 27.69 -41.22 -27.35
N CYS B 510 27.13 -41.76 -28.42
CA CYS B 510 27.12 -41.07 -29.71
C CYS B 510 25.75 -41.29 -30.36
N GLY B 511 25.65 -40.98 -31.64
CA GLY B 511 24.42 -41.17 -32.39
C GLY B 511 24.64 -41.40 -33.87
C1 NAG C . -17.59 -19.33 -0.25
C2 NAG C . -17.21 -20.25 -1.41
C3 NAG C . -17.99 -21.56 -1.31
C4 NAG C . -17.79 -22.19 0.07
C5 NAG C . -18.14 -21.19 1.16
C6 NAG C . -17.84 -21.70 2.56
C7 NAG C . -16.72 -19.86 -3.78
C8 NAG C . -17.11 -19.11 -5.01
N2 NAG C . -17.46 -19.62 -2.68
O3 NAG C . -17.53 -22.46 -2.32
O4 NAG C . -18.62 -23.33 0.20
O5 NAG C . -17.36 -19.99 1.00
O6 NAG C . -16.95 -20.83 3.25
O7 NAG C . -15.78 -20.65 -3.76
C1 NAG C . -17.79 -24.52 0.27
C2 NAG C . -18.70 -25.71 0.58
C3 NAG C . -17.89 -27.00 0.62
C4 NAG C . -17.10 -27.16 -0.68
C5 NAG C . -16.26 -25.92 -0.95
C6 NAG C . -15.55 -25.97 -2.28
C7 NAG C . -20.61 -24.95 1.93
C8 NAG C . -21.18 -24.83 3.31
N2 NAG C . -19.40 -25.52 1.85
O3 NAG C . -18.76 -28.11 0.80
O4 NAG C . -16.25 -28.29 -0.59
O5 NAG C . -17.10 -24.76 -0.96
O6 NAG C . -15.70 -27.23 -2.90
O7 NAG C . -21.21 -24.56 0.93
C1 NAG D . 1.09 9.05 -27.07
C2 NAG D . 0.14 10.17 -27.51
C3 NAG D . -1.20 9.59 -27.95
C4 NAG D . -0.99 8.51 -29.01
C5 NAG D . 0.00 7.46 -28.52
C6 NAG D . 0.35 6.43 -29.57
C7 NAG D . -0.36 12.42 -26.67
C8 NAG D . -0.52 13.28 -25.45
N2 NAG D . -0.04 11.14 -26.43
O3 NAG D . -2.02 10.63 -28.45
O4 NAG D . -2.23 7.87 -29.31
O5 NAG D . 1.24 8.10 -28.14
O6 NAG D . 1.75 6.30 -29.72
O7 NAG D . -0.53 12.86 -27.80
C1 NAG D . -2.75 8.39 -30.56
C2 NAG D . -3.64 7.33 -31.21
C3 NAG D . -4.26 7.86 -32.49
C4 NAG D . -4.97 9.19 -32.23
C5 NAG D . -4.02 10.17 -31.55
C6 NAG D . -4.69 11.47 -31.16
C7 NAG D . -3.48 4.91 -31.63
C8 NAG D . -2.55 3.76 -31.91
N2 NAG D . -2.90 6.10 -31.47
O3 NAG D . -5.19 6.92 -33.02
O4 NAG D . -5.43 9.75 -33.46
O5 NAG D . -3.50 9.59 -30.35
O6 NAG D . -5.18 12.15 -32.30
O7 NAG D . -4.69 4.77 -31.57
C1 NAG E . 24.94 -3.11 5.90
C2 NAG E . 26.24 -3.20 5.10
C3 NAG E . 25.94 -3.40 3.62
C4 NAG E . 25.01 -4.59 3.41
C5 NAG E . 23.77 -4.44 4.29
C6 NAG E . 22.86 -5.65 4.23
C7 NAG E . 27.96 -1.90 6.29
C8 NAG E . 28.71 -0.62 6.35
N2 NAG E . 27.06 -2.01 5.31
O3 NAG E . 27.16 -3.61 2.91
O4 NAG E . 24.61 -4.65 2.05
O5 NAG E . 24.16 -4.28 5.67
O6 NAG E . 23.57 -6.84 3.96
O7 NAG E . 28.15 -2.81 7.10
C1 NAG E . 25.22 -5.79 1.41
C2 NAG E . 24.22 -6.42 0.44
C3 NAG E . 24.85 -7.61 -0.27
C4 NAG E . 26.16 -7.20 -0.94
C5 NAG E . 27.09 -6.53 0.08
C6 NAG E . 28.34 -5.98 -0.55
C7 NAG E . 21.80 -6.29 0.85
C8 NAG E . 20.65 -6.82 1.66
N2 NAG E . 23.00 -6.82 1.13
O3 NAG E . 23.93 -8.10 -1.24
O4 NAG E . 26.81 -8.35 -1.46
O5 NAG E . 26.42 -5.42 0.70
O6 NAG E . 28.15 -5.67 -1.92
O7 NAG E . 21.66 -5.42 -0.01
C1 BMA E . 26.65 -8.43 -2.89
C2 BMA E . 27.85 -9.23 -3.47
C3 BMA E . 27.62 -9.58 -4.94
C4 BMA E . 26.23 -10.16 -5.17
C5 BMA E . 25.18 -9.19 -4.63
C6 BMA E . 23.75 -9.69 -4.83
O2 BMA E . 28.03 -10.45 -2.78
O3 BMA E . 28.61 -10.47 -5.42
O4 BMA E . 26.02 -10.37 -6.56
O5 BMA E . 25.39 -9.03 -3.23
O6 BMA E . 22.86 -8.63 -4.51
C1 NAG F . 3.45 -1.92 12.37
C2 NAG F . 3.23 -2.34 10.92
C3 NAG F . 2.32 -1.33 10.22
C4 NAG F . 1.04 -1.12 11.01
C5 NAG F . 1.35 -0.78 12.46
C6 NAG F . 0.11 -0.70 13.33
C7 NAG F . 4.77 -3.47 9.38
C8 NAG F . 3.71 -4.52 9.21
N2 NAG F . 4.48 -2.46 10.21
O3 NAG F . 2.00 -1.79 8.91
O4 NAG F . 0.29 -0.05 10.44
O5 NAG F . 2.19 -1.79 13.03
O6 NAG F . 0.17 -1.64 14.40
O7 NAG F . 5.85 -3.55 8.79
C1 NAG F . -0.88 -0.52 9.75
C2 NAG F . -2.01 0.48 10.01
C3 NAG F . -3.27 0.07 9.25
C4 NAG F . -2.95 -0.11 7.77
C5 NAG F . -1.81 -1.11 7.60
C6 NAG F . -1.37 -1.29 6.17
C7 NAG F . -2.67 1.75 12.00
C8 NAG F . -2.91 1.71 13.47
N2 NAG F . -2.29 0.61 11.43
O3 NAG F . -4.27 1.07 9.42
O4 NAG F . -4.11 -0.56 7.06
O5 NAG F . -0.66 -0.65 8.34
O6 NAG F . 0.03 -1.35 6.06
O7 NAG F . -2.82 2.79 11.34
C1 BMA F . -4.69 0.55 6.37
C2 BMA F . -4.73 0.23 4.85
C3 BMA F . -5.49 1.33 4.09
C4 BMA F . -6.84 1.64 4.75
C5 BMA F . -6.64 1.96 6.24
C6 BMA F . -7.94 2.23 6.96
O2 BMA F . -5.41 -0.99 4.61
O3 BMA F . -5.69 0.98 2.72
O4 BMA F . -7.43 2.76 4.12
O5 BMA F . -6.00 0.82 6.86
O6 BMA F . -9.01 1.84 6.11
C1 MAN F . -4.96 1.94 1.92
C2 MAN F . -5.98 2.88 1.20
C3 MAN F . -6.63 2.19 -0.01
C4 MAN F . -5.59 1.49 -0.87
C5 MAN F . -4.84 0.49 0.02
C6 MAN F . -3.81 -0.32 -0.74
O2 MAN F . -5.34 4.04 0.68
O3 MAN F . -7.37 3.12 -0.80
O4 MAN F . -6.21 0.79 -1.93
O5 MAN F . -4.13 1.24 1.01
O6 MAN F . -3.09 -1.10 0.22
C1 MAN F . -10.16 1.52 6.92
C2 MAN F . -9.95 0.10 7.49
C3 MAN F . -10.13 -0.95 6.39
C4 MAN F . -11.46 -0.73 5.66
C5 MAN F . -11.49 0.69 5.08
C6 MAN F . -12.79 1.00 4.37
O2 MAN F . -10.94 -0.21 8.47
O3 MAN F . -10.06 -2.27 6.91
O4 MAN F . -11.58 -1.67 4.61
O5 MAN F . -11.36 1.63 6.16
O6 MAN F . -12.58 2.11 3.51
C1 NAG G . 3.26 -5.37 -21.40
C2 NAG G . 4.55 -6.16 -21.15
C3 NAG G . 5.02 -6.83 -22.44
C4 NAG G . 3.88 -7.65 -23.06
C5 NAG G . 2.64 -6.79 -23.22
C6 NAG G . 1.45 -7.56 -23.74
C7 NAG G . 6.67 -5.75 -19.96
C8 NAG G . 7.64 -4.71 -19.50
N2 NAG G . 5.59 -5.29 -20.62
O3 NAG G . 6.13 -7.68 -22.17
O4 NAG G . 4.28 -8.15 -24.33
O5 NAG G . 2.27 -6.24 -21.96
O6 NAG G . 0.68 -6.78 -24.65
O7 NAG G . 6.84 -6.94 -19.76
C1 NAG H . 5.00 -39.46 -19.72
C2 NAG H . 4.32 -38.09 -19.91
C3 NAG H . 2.88 -38.27 -20.37
C4 NAG H . 2.82 -39.16 -21.61
C5 NAG H . 3.55 -40.47 -21.35
C6 NAG H . 3.63 -41.36 -22.57
C7 NAG H . 5.10 -36.20 -18.55
C8 NAG H . 5.03 -35.52 -17.21
N2 NAG H . 4.36 -37.32 -18.68
O3 NAG H . 2.31 -37.00 -20.66
O4 NAG H . 1.47 -39.43 -21.96
O5 NAG H . 4.90 -40.21 -20.94
O6 NAG H . 4.53 -42.44 -22.36
O7 NAG H . 5.78 -35.76 -19.47
#